data_3PP3
#
_entry.id   3PP3
#
_cell.length_a   273.140
_cell.length_b   38.038
_cell.length_c   90.220
_cell.angle_alpha   90.00
_cell.angle_beta   98.89
_cell.angle_gamma   90.00
#
_symmetry.space_group_name_H-M   'C 1 2 1'
#
loop_
_entity.id
_entity.type
_entity.pdbx_description
1 polymer 'GA101 Fab heavy chain'
2 polymer 'GA101 Fab light chain'
3 water water
#
loop_
_entity_poly.entity_id
_entity_poly.type
_entity_poly.pdbx_seq_one_letter_code
_entity_poly.pdbx_strand_id
1 'polypeptide(L)'
;QVQLVQSGAEVKKPGSSVKVSCKASGYAFSYSWINWVRQAPGQGLEWMGRIFPGDGDTDYNGKFKGRVTITADKSTSTAY
MELSSLRSEDTAVYYCARNVFDGYWLVYWGQGTLVTVSSASTKGPSVFPLAPSSKSTSGGTAALGCLVKDYFPEPVTVSW
NSGALTSGVHTFPAVLQSSGLYSLSSVVTVPSSSLGTQTYICNVNHKPSNTKVDKKVEPKSCDK
;
H,I
2 'polypeptide(L)'
;DIVMTQTPLSLPVTPGEPASISCRSSKSLLHSNGITYLYWYLQKPGQSPQLLIYQMSNLVSGVPDRFSGSGSGTDFTLKI
SRVEAEDVGVYYCAQNLELPYTFGGGTKVEIKRTVAAPSVFIFPPSDEQLKSGTASVVCLLNNFYPREAKVQWKVDNALQ
SGNSQESVTEQDSKDSTYSLSSTLTLSKADYEKHKVYACEVTHQGLSSPVTKSFNRGEC
;
L,K
#
# COMPACT_ATOMS: atom_id res chain seq x y z
N GLN A 1 -9.52 -22.15 -21.83
CA GLN A 1 -9.53 -20.86 -21.14
C GLN A 1 -9.79 -21.01 -19.65
N VAL A 2 -9.32 -22.12 -19.08
CA VAL A 2 -9.46 -22.35 -17.65
C VAL A 2 -8.52 -21.45 -16.86
N GLN A 3 -9.04 -20.83 -15.82
CA GLN A 3 -8.25 -19.92 -15.02
C GLN A 3 -8.72 -19.93 -13.57
N LEU A 4 -7.78 -19.82 -12.64
CA LEU A 4 -8.10 -19.78 -11.23
C LEU A 4 -7.48 -18.54 -10.59
N VAL A 5 -8.32 -17.62 -10.16
CA VAL A 5 -7.85 -16.37 -9.58
C VAL A 5 -8.20 -16.28 -8.10
N GLN A 6 -7.16 -16.32 -7.26
CA GLN A 6 -7.35 -16.25 -5.82
C GLN A 6 -7.34 -14.82 -5.31
N SER A 7 -7.77 -14.64 -4.07
CA SER A 7 -7.81 -13.32 -3.46
C SER A 7 -6.41 -12.84 -3.05
N GLY A 8 -6.29 -11.56 -2.73
CA GLY A 8 -5.02 -10.95 -2.43
C GLY A 8 -4.39 -11.40 -1.12
N ALA A 9 -3.15 -10.96 -0.90
CA ALA A 9 -2.39 -11.32 0.30
C ALA A 9 -3.14 -10.98 1.59
N GLU A 10 -2.77 -11.66 2.67
CA GLU A 10 -3.45 -11.50 3.95
C GLU A 10 -2.46 -11.48 5.12
N VAL A 11 -2.66 -10.54 6.04
CA VAL A 11 -1.87 -10.50 7.26
C VAL A 11 -2.81 -10.59 8.46
N LYS A 12 -2.64 -11.63 9.26
CA LYS A 12 -3.56 -11.90 10.37
C LYS A 12 -2.83 -12.09 11.70
N LYS A 13 -3.43 -11.57 12.77
CA LYS A 13 -2.94 -11.77 14.12
C LYS A 13 -3.14 -13.23 14.52
N PRO A 14 -2.22 -13.80 15.32
CA PRO A 14 -2.34 -15.19 15.76
C PRO A 14 -3.66 -15.43 16.50
N GLY A 15 -4.30 -16.56 16.23
CA GLY A 15 -5.56 -16.89 16.86
C GLY A 15 -6.76 -16.45 16.04
N SER A 16 -6.50 -15.69 14.98
CA SER A 16 -7.57 -15.18 14.13
C SER A 16 -7.92 -16.18 13.02
N SER A 17 -8.75 -15.74 12.07
CA SER A 17 -9.12 -16.57 10.93
C SER A 17 -9.01 -15.84 9.60
N VAL A 18 -8.79 -16.60 8.53
CA VAL A 18 -8.71 -16.05 7.18
C VAL A 18 -9.55 -16.86 6.20
N LYS A 19 -10.09 -16.18 5.18
CA LYS A 19 -10.94 -16.81 4.18
C LYS A 19 -10.46 -16.44 2.78
N VAL A 20 -9.83 -17.40 2.09
CA VAL A 20 -9.27 -17.16 0.77
C VAL A 20 -10.26 -17.51 -0.35
N SER A 21 -10.44 -16.60 -1.29
CA SER A 21 -11.33 -16.82 -2.43
C SER A 21 -10.60 -17.52 -3.57
N CYS A 22 -11.36 -18.29 -4.37
CA CYS A 22 -10.81 -18.98 -5.52
C CYS A 22 -11.80 -18.93 -6.67
N LYS A 23 -11.67 -17.94 -7.53
CA LYS A 23 -12.59 -17.73 -8.65
C LYS A 23 -12.18 -18.58 -9.85
N ALA A 24 -13.07 -19.47 -10.27
CA ALA A 24 -12.77 -20.35 -11.40
C ALA A 24 -13.58 -19.97 -12.64
N SER A 25 -13.00 -20.24 -13.81
CA SER A 25 -13.67 -19.93 -15.07
C SER A 25 -13.13 -20.81 -16.20
N GLY A 26 -13.96 -21.00 -17.23
CA GLY A 26 -13.57 -21.75 -18.41
C GLY A 26 -13.99 -23.21 -18.41
N TYR A 27 -14.74 -23.64 -17.40
CA TYR A 27 -15.19 -25.02 -17.35
C TYR A 27 -16.45 -25.17 -16.50
N ALA A 28 -17.05 -26.36 -16.53
CA ALA A 28 -18.23 -26.64 -15.72
C ALA A 28 -17.84 -26.72 -14.24
N PHE A 29 -18.08 -25.62 -13.52
CA PHE A 29 -17.61 -25.47 -12.14
C PHE A 29 -18.09 -26.59 -11.22
N SER A 30 -19.29 -27.08 -11.46
CA SER A 30 -19.94 -28.01 -10.53
C SER A 30 -19.37 -29.44 -10.57
N TYR A 31 -18.64 -29.76 -11.62
CA TYR A 31 -18.26 -31.15 -11.85
C TYR A 31 -16.75 -31.42 -11.85
N SER A 32 -16.02 -30.58 -11.13
CA SER A 32 -14.59 -30.81 -10.92
C SER A 32 -14.22 -30.54 -9.46
N TRP A 33 -13.42 -31.42 -8.90
CA TRP A 33 -12.94 -31.25 -7.53
C TRP A 33 -12.01 -30.04 -7.42
N ILE A 34 -12.29 -29.17 -6.45
CA ILE A 34 -11.39 -28.08 -6.10
C ILE A 34 -10.57 -28.49 -4.90
N ASN A 35 -9.24 -28.54 -5.07
CA ASN A 35 -8.34 -28.88 -3.98
C ASN A 35 -7.62 -27.65 -3.44
N TRP A 36 -7.23 -27.71 -2.17
CA TRP A 36 -6.45 -26.64 -1.56
C TRP A 36 -5.10 -27.15 -1.08
N VAL A 37 -4.04 -26.48 -1.50
CA VAL A 37 -2.69 -26.87 -1.14
C VAL A 37 -1.89 -25.69 -0.58
N ARG A 38 -1.18 -25.93 0.52
CA ARG A 38 -0.44 -24.88 1.20
C ARG A 38 1.07 -25.10 1.13
N GLN A 39 1.85 -24.04 1.31
CA GLN A 39 3.29 -24.12 1.24
C GLN A 39 3.98 -23.13 2.17
N ALA A 40 4.48 -23.62 3.30
CA ALA A 40 5.21 -22.78 4.24
C ALA A 40 6.52 -22.33 3.62
N PRO A 41 6.97 -21.11 3.95
CA PRO A 41 8.15 -20.49 3.35
C PRO A 41 9.35 -21.43 3.27
N GLY A 42 9.81 -21.69 2.06
CA GLY A 42 10.97 -22.54 1.83
C GLY A 42 10.73 -24.01 2.10
N GLN A 43 9.46 -24.37 2.31
CA GLN A 43 9.10 -25.75 2.61
C GLN A 43 8.22 -26.38 1.53
N GLY A 44 7.93 -27.67 1.69
CA GLY A 44 7.22 -28.44 0.68
C GLY A 44 5.75 -28.12 0.54
N LEU A 45 5.03 -29.00 -0.14
CA LEU A 45 3.60 -28.83 -0.39
C LEU A 45 2.78 -29.65 0.59
N GLU A 46 1.64 -29.09 1.00
CA GLU A 46 0.81 -29.71 2.02
C GLU A 46 -0.66 -29.75 1.57
N TRP A 47 -1.20 -30.96 1.41
CA TRP A 47 -2.59 -31.11 0.99
C TRP A 47 -3.54 -30.77 2.14
N MET A 48 -4.42 -29.82 1.90
CA MET A 48 -5.31 -29.33 2.95
C MET A 48 -6.70 -29.94 2.86
N GLY A 49 -7.23 -30.09 1.66
CA GLY A 49 -8.54 -30.67 1.47
C GLY A 49 -9.06 -30.55 0.05
N ARG A 50 -10.33 -30.89 -0.15
CA ARG A 50 -10.96 -30.80 -1.47
C ARG A 50 -12.47 -30.65 -1.34
N ILE A 51 -13.08 -29.95 -2.29
CA ILE A 51 -14.53 -29.85 -2.33
C ILE A 51 -15.06 -30.14 -3.73
N PHE A 52 -16.22 -30.79 -3.79
CA PHE A 52 -16.91 -31.00 -5.05
C PHE A 52 -18.14 -30.11 -5.06
N PRO A 53 -18.06 -28.96 -5.76
CA PRO A 53 -19.12 -27.95 -5.74
C PRO A 53 -20.47 -28.55 -6.10
N GLY A 54 -20.47 -29.56 -6.96
CA GLY A 54 -21.70 -30.17 -7.44
C GLY A 54 -22.60 -30.72 -6.35
N ASP A 55 -22.01 -31.06 -5.20
CA ASP A 55 -22.78 -31.63 -4.11
C ASP A 55 -22.24 -31.23 -2.74
N GLY A 56 -21.30 -30.29 -2.72
CA GLY A 56 -20.76 -29.78 -1.48
C GLY A 56 -19.94 -30.78 -0.70
N ASP A 57 -19.66 -31.93 -1.30
CA ASP A 57 -18.87 -32.97 -0.65
C ASP A 57 -17.45 -32.46 -0.38
N THR A 58 -16.94 -32.71 0.83
CA THR A 58 -15.62 -32.23 1.21
C THR A 58 -14.80 -33.30 1.94
N ASP A 59 -13.49 -33.26 1.74
CA ASP A 59 -12.56 -34.11 2.48
C ASP A 59 -11.40 -33.27 2.98
N TYR A 60 -10.96 -33.54 4.21
CA TYR A 60 -9.89 -32.73 4.82
C TYR A 60 -8.70 -33.56 5.27
N ASN A 61 -7.61 -32.88 5.58
CA ASN A 61 -6.45 -33.53 6.17
C ASN A 61 -6.60 -33.52 7.69
N GLY A 62 -6.32 -34.67 8.31
CA GLY A 62 -6.50 -34.82 9.75
C GLY A 62 -5.69 -33.85 10.58
N LYS A 63 -4.48 -33.56 10.13
CA LYS A 63 -3.56 -32.72 10.88
C LYS A 63 -4.16 -31.36 11.26
N PHE A 64 -4.96 -30.79 10.36
CA PHE A 64 -5.56 -29.48 10.61
C PHE A 64 -6.65 -29.54 11.66
N LYS A 65 -7.00 -30.75 12.07
CA LYS A 65 -7.92 -30.99 13.19
C LYS A 65 -9.15 -30.08 13.19
N GLY A 66 -9.79 -29.95 12.04
CA GLY A 66 -11.03 -29.20 11.94
C GLY A 66 -10.86 -27.70 11.76
N ARG A 67 -9.62 -27.24 11.72
CA ARG A 67 -9.36 -25.81 11.58
C ARG A 67 -9.60 -25.32 10.16
N VAL A 68 -9.91 -26.25 9.26
CA VAL A 68 -10.14 -25.92 7.85
C VAL A 68 -11.58 -26.19 7.43
N THR A 69 -12.17 -25.21 6.75
CA THR A 69 -13.53 -25.35 6.24
C THR A 69 -13.60 -24.89 4.78
N ILE A 70 -13.87 -25.84 3.88
CA ILE A 70 -13.95 -25.54 2.45
C ILE A 70 -15.40 -25.40 2.01
N THR A 71 -15.70 -24.31 1.33
CA THR A 71 -17.04 -24.08 0.81
C THR A 71 -16.98 -23.67 -0.66
N ALA A 72 -18.13 -23.69 -1.32
CA ALA A 72 -18.19 -23.36 -2.74
C ALA A 72 -19.50 -22.67 -3.10
N ASP A 73 -19.40 -21.60 -3.87
CA ASP A 73 -20.58 -20.87 -4.32
C ASP A 73 -20.81 -21.12 -5.79
N LYS A 74 -21.79 -21.99 -6.10
CA LYS A 74 -22.08 -22.37 -7.47
C LYS A 74 -22.43 -21.17 -8.35
N SER A 75 -23.18 -20.23 -7.79
CA SER A 75 -23.67 -19.08 -8.55
C SER A 75 -22.57 -18.13 -9.01
N THR A 76 -21.41 -18.19 -8.36
CA THR A 76 -20.28 -17.33 -8.72
C THR A 76 -19.02 -18.14 -9.06
N SER A 77 -19.16 -19.45 -9.15
CA SER A 77 -18.05 -20.33 -9.46
C SER A 77 -16.83 -20.05 -8.59
N THR A 78 -17.07 -19.75 -7.33
CA THR A 78 -15.99 -19.42 -6.40
C THR A 78 -15.90 -20.44 -5.27
N ALA A 79 -14.70 -20.91 -4.99
CA ALA A 79 -14.47 -21.82 -3.87
C ALA A 79 -13.74 -21.07 -2.76
N TYR A 80 -14.07 -21.39 -1.51
CA TYR A 80 -13.48 -20.68 -0.39
C TYR A 80 -12.73 -21.61 0.54
N MET A 81 -11.68 -21.10 1.17
CA MET A 81 -10.93 -21.87 2.14
C MET A 81 -10.69 -21.05 3.41
N GLU A 82 -11.29 -21.50 4.52
CA GLU A 82 -11.23 -20.76 5.76
C GLU A 82 -10.40 -21.49 6.81
N LEU A 83 -9.36 -20.82 7.30
CA LEU A 83 -8.51 -21.39 8.34
C LEU A 83 -8.86 -20.75 9.68
N SER A 84 -8.90 -21.55 10.73
CA SER A 84 -9.27 -21.07 12.06
C SER A 84 -8.12 -21.22 13.06
N SER A 85 -8.19 -20.44 14.13
CA SER A 85 -7.16 -20.46 15.17
C SER A 85 -5.77 -20.43 14.56
N LEU A 86 -5.47 -19.35 13.84
CA LEU A 86 -4.20 -19.21 13.15
C LEU A 86 -3.01 -19.15 14.10
N ARG A 87 -1.93 -19.81 13.71
CA ARG A 87 -0.66 -19.66 14.40
C ARG A 87 0.43 -19.32 13.38
N SER A 88 1.60 -18.95 13.87
CA SER A 88 2.70 -18.53 13.01
C SER A 88 3.01 -19.58 11.94
N GLU A 89 2.92 -20.85 12.33
CA GLU A 89 3.22 -21.95 11.42
C GLU A 89 2.25 -22.00 10.24
N ASP A 90 1.13 -21.29 10.36
CA ASP A 90 0.17 -21.19 9.26
C ASP A 90 0.61 -20.15 8.23
N THR A 91 1.72 -19.48 8.50
CA THR A 91 2.27 -18.54 7.53
C THR A 91 2.74 -19.28 6.30
N ALA A 92 2.04 -19.10 5.19
CA ALA A 92 2.35 -19.82 3.97
C ALA A 92 1.54 -19.30 2.78
N VAL A 93 1.85 -19.84 1.59
CA VAL A 93 1.07 -19.55 0.40
C VAL A 93 0.01 -20.62 0.24
N TYR A 94 -1.22 -20.18 -0.01
CA TYR A 94 -2.34 -21.10 -0.16
C TYR A 94 -2.83 -21.14 -1.61
N TYR A 95 -2.81 -22.32 -2.20
CA TYR A 95 -3.23 -22.50 -3.58
C TYR A 95 -4.57 -23.22 -3.66
N CYS A 96 -5.36 -22.86 -4.67
CA CYS A 96 -6.51 -23.67 -5.04
C CYS A 96 -6.17 -24.37 -6.35
N ALA A 97 -6.60 -25.61 -6.49
CA ALA A 97 -6.29 -26.38 -7.68
C ALA A 97 -7.50 -27.16 -8.15
N ARG A 98 -7.68 -27.23 -9.47
CA ARG A 98 -8.82 -27.93 -10.05
C ARG A 98 -8.41 -29.26 -10.66
N ASN A 99 -9.25 -30.28 -10.47
CA ASN A 99 -9.04 -31.57 -11.11
C ASN A 99 -9.73 -31.67 -12.45
N VAL A 100 -9.30 -32.65 -13.25
CA VAL A 100 -10.02 -33.04 -14.45
C VAL A 100 -10.13 -34.56 -14.44
N PHE A 101 -11.37 -35.05 -14.43
CA PHE A 101 -11.62 -36.49 -14.35
C PHE A 101 -10.70 -37.33 -15.24
N ASP A 102 -10.54 -38.60 -14.87
CA ASP A 102 -9.67 -39.53 -15.58
C ASP A 102 -8.18 -39.33 -15.31
N GLY A 103 -7.83 -39.05 -14.05
CA GLY A 103 -6.44 -39.06 -13.64
C GLY A 103 -5.75 -37.71 -13.55
N TYR A 104 -6.34 -36.68 -14.12
CA TYR A 104 -5.74 -35.35 -14.12
C TYR A 104 -5.89 -34.64 -12.78
N TRP A 105 -5.21 -35.15 -11.77
CA TRP A 105 -5.26 -34.58 -10.43
C TRP A 105 -4.43 -33.29 -10.36
N LEU A 106 -5.06 -32.22 -9.88
CA LEU A 106 -4.38 -30.93 -9.71
C LEU A 106 -3.75 -30.43 -11.01
N VAL A 107 -4.55 -30.34 -12.07
CA VAL A 107 -4.05 -29.93 -13.38
C VAL A 107 -4.02 -28.41 -13.53
N TYR A 108 -4.89 -27.71 -12.80
CA TYR A 108 -4.93 -26.25 -12.82
C TYR A 108 -4.70 -25.65 -11.43
N TRP A 109 -3.87 -24.61 -11.37
CA TRP A 109 -3.54 -23.96 -10.11
C TRP A 109 -3.82 -22.47 -10.15
N GLY A 110 -4.15 -21.90 -9.00
CA GLY A 110 -4.31 -20.47 -8.86
C GLY A 110 -2.95 -19.81 -8.68
N GLN A 111 -2.92 -18.48 -8.66
CA GLN A 111 -1.67 -17.74 -8.55
C GLN A 111 -1.12 -17.80 -7.13
N GLY A 112 -1.92 -18.33 -6.21
CA GLY A 112 -1.50 -18.45 -4.82
C GLY A 112 -1.89 -17.25 -3.97
N THR A 113 -2.10 -17.48 -2.68
CA THR A 113 -2.46 -16.43 -1.76
C THR A 113 -1.59 -16.47 -0.51
N LEU A 114 -0.81 -15.42 -0.30
CA LEU A 114 0.09 -15.36 0.85
C LEU A 114 -0.65 -14.99 2.12
N VAL A 115 -0.43 -15.78 3.16
CA VAL A 115 -1.00 -15.51 4.48
C VAL A 115 0.11 -15.53 5.52
N THR A 116 0.45 -14.35 6.04
CA THR A 116 1.45 -14.24 7.10
C THR A 116 0.76 -14.07 8.44
N VAL A 117 1.20 -14.85 9.42
CA VAL A 117 0.60 -14.82 10.75
C VAL A 117 1.62 -14.41 11.81
N SER A 118 1.47 -13.20 12.33
CA SER A 118 2.27 -12.72 13.45
C SER A 118 1.52 -11.62 14.18
N SER A 119 2.02 -11.22 15.33
CA SER A 119 1.37 -10.20 16.14
C SER A 119 1.99 -8.83 15.89
N ALA A 120 3.02 -8.78 15.05
CA ALA A 120 3.70 -7.54 14.73
C ALA A 120 2.74 -6.51 14.16
N SER A 121 3.08 -5.23 14.29
CA SER A 121 2.29 -4.15 13.72
C SER A 121 3.02 -3.49 12.56
N THR A 122 2.26 -3.06 11.56
CA THR A 122 2.81 -2.39 10.39
C THR A 122 3.83 -1.33 10.78
N LYS A 123 5.02 -1.40 10.16
CA LYS A 123 6.09 -0.46 10.44
C LYS A 123 7.02 -0.31 9.24
N GLY A 124 7.38 0.93 8.92
CA GLY A 124 8.36 1.21 7.89
C GLY A 124 9.76 0.89 8.40
N PRO A 125 10.69 0.59 7.49
CA PRO A 125 12.05 0.18 7.88
C PRO A 125 12.98 1.35 8.09
N SER A 126 14.08 1.10 8.80
CA SER A 126 15.17 2.05 8.86
C SER A 126 16.12 1.70 7.71
N VAL A 127 16.70 2.72 7.09
CA VAL A 127 17.59 2.49 5.97
C VAL A 127 18.99 3.02 6.26
N PHE A 128 19.95 2.11 6.32
CA PHE A 128 21.33 2.47 6.63
C PHE A 128 22.24 2.16 5.46
N PRO A 129 23.28 2.98 5.26
CA PRO A 129 24.20 2.78 4.15
C PRO A 129 25.23 1.70 4.44
N LEU A 130 25.49 0.83 3.46
CA LEU A 130 26.62 -0.07 3.54
C LEU A 130 27.75 0.53 2.70
N ALA A 131 28.47 1.46 3.32
CA ALA A 131 29.44 2.30 2.62
C ALA A 131 30.57 1.51 1.99
N PRO A 132 31.00 1.93 0.79
CA PRO A 132 32.13 1.34 0.07
C PRO A 132 33.46 1.88 0.59
N SER A 133 34.44 1.00 0.73
CA SER A 133 35.78 1.40 1.19
C SER A 133 36.78 0.29 0.87
N SER A 134 38.02 0.51 1.26
CA SER A 134 39.09 -0.47 1.07
C SER A 134 40.45 0.15 1.36
N LYS A 135 40.79 1.18 0.58
CA LYS A 135 42.06 1.88 0.72
C LYS A 135 43.22 1.07 0.14
N SER A 136 43.92 0.35 1.02
CA SER A 136 45.04 -0.49 0.59
C SER A 136 44.53 -1.80 -0.02
N THR A 137 45.03 -2.92 0.48
CA THR A 137 44.59 -4.23 0.04
C THR A 137 44.69 -4.36 -1.48
N SER A 138 43.84 -5.21 -2.06
CA SER A 138 43.82 -5.43 -3.50
C SER A 138 42.55 -6.14 -3.93
N GLY A 139 42.35 -6.28 -5.24
CA GLY A 139 41.14 -6.87 -5.78
C GLY A 139 40.23 -5.80 -6.35
N GLY A 140 40.85 -4.66 -6.68
CA GLY A 140 40.15 -3.47 -7.16
C GLY A 140 38.79 -3.62 -7.79
N THR A 141 37.75 -3.61 -6.96
CA THR A 141 36.37 -3.53 -7.40
C THR A 141 35.47 -3.45 -6.16
N ALA A 142 34.74 -2.34 -6.06
CA ALA A 142 34.06 -1.98 -4.81
C ALA A 142 32.68 -2.63 -4.63
N ALA A 143 32.30 -2.84 -3.36
CA ALA A 143 30.96 -3.28 -3.03
C ALA A 143 30.28 -2.24 -2.15
N LEU A 144 28.99 -1.98 -2.41
CA LEU A 144 28.21 -1.09 -1.56
C LEU A 144 26.76 -1.53 -1.54
N GLY A 145 26.02 -1.08 -0.54
CA GLY A 145 24.63 -1.48 -0.41
C GLY A 145 23.83 -0.70 0.62
N CYS A 146 22.66 -1.21 0.94
CA CYS A 146 21.80 -0.60 1.95
C CYS A 146 21.24 -1.63 2.92
N LEU A 147 21.34 -1.32 4.21
CA LEU A 147 20.73 -2.13 5.24
C LEU A 147 19.31 -1.64 5.50
N VAL A 148 18.34 -2.43 5.05
CA VAL A 148 16.93 -2.13 5.26
C VAL A 148 16.43 -2.97 6.44
N LYS A 149 16.25 -2.33 7.59
CA LYS A 149 16.09 -3.05 8.85
C LYS A 149 14.84 -2.70 9.65
N ASP A 150 14.27 -3.71 10.29
CA ASP A 150 13.16 -3.53 11.23
C ASP A 150 11.87 -3.03 10.59
N TYR A 151 11.29 -3.85 9.69
CA TYR A 151 10.05 -3.48 9.04
C TYR A 151 9.04 -4.63 9.06
N PHE A 152 7.76 -4.27 8.99
CA PHE A 152 6.69 -5.25 8.95
C PHE A 152 5.46 -4.67 8.25
N PRO A 153 4.83 -5.46 7.38
CA PRO A 153 5.28 -6.81 7.01
C PRO A 153 5.99 -6.79 5.66
N GLU A 154 6.27 -7.96 5.12
CA GLU A 154 6.76 -8.09 3.77
C GLU A 154 5.70 -7.56 2.80
N PRO A 155 6.12 -7.15 1.59
CA PRO A 155 7.51 -7.13 1.17
C PRO A 155 8.06 -5.71 1.11
N VAL A 156 9.35 -5.59 0.83
CA VAL A 156 9.95 -4.31 0.52
C VAL A 156 10.67 -4.44 -0.81
N THR A 157 10.61 -3.39 -1.63
CA THR A 157 11.30 -3.39 -2.91
C THR A 157 12.47 -2.44 -2.89
N VAL A 158 13.59 -2.86 -3.46
CA VAL A 158 14.77 -2.01 -3.54
C VAL A 158 15.25 -1.92 -4.98
N SER A 159 15.59 -0.71 -5.40
CA SER A 159 16.21 -0.48 -6.69
C SER A 159 17.44 0.40 -6.52
N TRP A 160 18.15 0.63 -7.62
CA TRP A 160 19.35 1.46 -7.58
C TRP A 160 19.37 2.51 -8.69
N ASN A 161 19.61 3.75 -8.31
CA ASN A 161 19.57 4.87 -9.24
C ASN A 161 18.24 4.94 -9.98
N SER A 162 17.18 4.60 -9.26
CA SER A 162 15.82 4.64 -9.80
C SER A 162 15.62 3.64 -10.94
N GLY A 163 16.35 2.53 -10.90
CA GLY A 163 16.22 1.49 -11.90
C GLY A 163 17.31 1.50 -12.94
N ALA A 164 18.06 2.60 -13.00
CA ALA A 164 19.14 2.75 -13.97
C ALA A 164 20.26 1.74 -13.74
N LEU A 165 20.43 1.34 -12.49
CA LEU A 165 21.46 0.38 -12.12
C LEU A 165 20.86 -0.96 -11.72
N THR A 166 20.86 -1.91 -12.65
CA THR A 166 20.31 -3.24 -12.39
C THR A 166 21.39 -4.31 -12.42
N SER A 167 22.45 -4.06 -13.16
CA SER A 167 23.55 -5.03 -13.28
C SER A 167 24.41 -5.08 -12.02
N GLY A 168 24.57 -6.27 -11.46
CA GLY A 168 25.42 -6.45 -10.30
C GLY A 168 24.67 -6.41 -8.98
N VAL A 169 23.43 -5.93 -9.02
CA VAL A 169 22.63 -5.80 -7.80
C VAL A 169 22.16 -7.15 -7.25
N HIS A 170 22.25 -7.29 -5.93
CA HIS A 170 21.73 -8.47 -5.25
C HIS A 170 20.96 -8.05 -4.01
N THR A 171 19.65 -8.30 -4.01
CA THR A 171 18.81 -7.98 -2.86
C THR A 171 18.42 -9.27 -2.13
N PHE A 172 19.00 -9.48 -0.96
CA PHE A 172 18.83 -10.73 -0.22
C PHE A 172 17.43 -10.90 0.36
N PRO A 173 16.94 -12.15 0.38
CA PRO A 173 15.66 -12.49 1.00
C PRO A 173 15.62 -12.02 2.45
N ALA A 174 14.52 -11.40 2.86
CA ALA A 174 14.38 -10.90 4.21
C ALA A 174 14.40 -12.04 5.23
N VAL A 175 14.98 -11.78 6.40
CA VAL A 175 14.95 -12.73 7.49
C VAL A 175 14.15 -12.16 8.66
N LEU A 176 13.27 -12.98 9.22
CA LEU A 176 12.49 -12.60 10.39
C LEU A 176 13.31 -12.90 11.63
N GLN A 177 13.19 -12.04 12.64
CA GLN A 177 13.94 -12.23 13.87
C GLN A 177 13.08 -12.26 15.13
N SER A 178 13.72 -12.18 16.29
CA SER A 178 13.02 -12.33 17.56
C SER A 178 11.95 -11.26 17.75
N SER A 179 12.17 -10.09 17.16
CA SER A 179 11.14 -9.07 17.11
C SER A 179 10.18 -9.47 15.99
N GLY A 180 8.99 -8.90 15.98
CA GLY A 180 8.04 -9.21 14.93
C GLY A 180 8.48 -8.72 13.57
N LEU A 181 9.67 -8.10 13.52
CA LEU A 181 10.10 -7.36 12.34
C LEU A 181 11.00 -8.14 11.39
N TYR A 182 11.03 -7.69 10.14
CA TYR A 182 11.89 -8.26 9.12
C TYR A 182 13.16 -7.42 8.92
N SER A 183 14.09 -7.94 8.13
CA SER A 183 15.33 -7.24 7.83
C SER A 183 16.01 -7.81 6.60
N LEU A 184 16.65 -6.94 5.81
CA LEU A 184 17.36 -7.39 4.61
C LEU A 184 18.39 -6.37 4.13
N SER A 185 19.24 -6.79 3.19
CA SER A 185 20.21 -5.90 2.57
C SER A 185 20.14 -5.98 1.06
N SER A 186 20.51 -4.87 0.41
CA SER A 186 20.60 -4.81 -1.04
C SER A 186 21.98 -4.32 -1.41
N VAL A 187 22.78 -5.17 -2.05
CA VAL A 187 24.15 -4.84 -2.38
C VAL A 187 24.39 -4.85 -3.88
N VAL A 188 25.45 -4.18 -4.29
CA VAL A 188 25.83 -4.12 -5.69
C VAL A 188 27.32 -3.89 -5.83
N THR A 189 27.96 -4.56 -6.79
CA THR A 189 29.37 -4.35 -7.07
C THR A 189 29.53 -3.46 -8.30
N VAL A 190 30.43 -2.48 -8.19
CA VAL A 190 30.68 -1.55 -9.28
C VAL A 190 32.20 -1.35 -9.40
N PRO A 191 32.64 -0.72 -10.51
CA PRO A 191 34.07 -0.43 -10.61
C PRO A 191 34.51 0.53 -9.52
N SER A 192 35.37 0.08 -8.61
CA SER A 192 35.85 0.93 -7.53
C SER A 192 36.39 2.23 -8.09
N SER A 193 36.72 2.19 -9.38
CA SER A 193 37.27 3.35 -10.09
C SER A 193 36.19 4.41 -10.32
N SER A 194 34.95 4.10 -9.96
CA SER A 194 33.81 4.96 -10.31
C SER A 194 33.16 5.65 -9.12
N LEU A 195 33.62 5.33 -7.92
CA LEU A 195 33.05 5.90 -6.71
C LEU A 195 33.12 7.43 -6.71
N GLY A 196 34.02 7.98 -7.52
CA GLY A 196 34.18 9.42 -7.61
C GLY A 196 33.47 10.02 -8.80
N THR A 197 32.80 9.18 -9.58
CA THR A 197 32.12 9.64 -10.79
C THR A 197 30.61 9.40 -10.73
N GLN A 198 30.22 8.24 -10.23
CA GLN A 198 28.80 7.86 -10.21
C GLN A 198 28.18 7.91 -8.81
N THR A 199 27.16 8.75 -8.65
CA THR A 199 26.40 8.81 -7.41
C THR A 199 25.45 7.61 -7.31
N TYR A 200 25.62 6.82 -6.25
CA TYR A 200 24.79 5.63 -6.04
C TYR A 200 23.76 5.82 -4.94
N ILE A 201 22.50 5.54 -5.27
CA ILE A 201 21.41 5.71 -4.32
C ILE A 201 20.49 4.48 -4.35
N CYS A 202 20.14 3.99 -3.17
CA CYS A 202 19.21 2.87 -3.07
C CYS A 202 17.80 3.38 -2.78
N ASN A 203 16.84 2.90 -3.58
CA ASN A 203 15.45 3.33 -3.46
C ASN A 203 14.62 2.29 -2.75
N VAL A 204 14.44 2.47 -1.45
CA VAL A 204 13.66 1.54 -0.64
C VAL A 204 12.18 1.88 -0.67
N ASN A 205 11.34 0.91 -1.04
CA ASN A 205 9.90 1.12 -1.07
C ASN A 205 9.14 0.09 -0.23
N HIS A 206 8.52 0.55 0.85
CA HIS A 206 7.68 -0.30 1.69
C HIS A 206 6.23 0.14 1.60
N LYS A 207 5.48 -0.45 0.66
CA LYS A 207 4.10 -0.10 0.43
C LYS A 207 3.21 -0.19 1.67
N PRO A 208 3.25 -1.34 2.38
CA PRO A 208 2.39 -1.53 3.54
C PRO A 208 2.36 -0.35 4.50
N SER A 209 3.51 0.30 4.71
CA SER A 209 3.58 1.44 5.62
C SER A 209 3.66 2.75 4.86
N ASN A 210 3.52 2.68 3.54
CA ASN A 210 3.61 3.87 2.70
C ASN A 210 4.94 4.59 2.91
N THR A 211 6.01 3.81 3.12
CA THR A 211 7.33 4.36 3.38
C THR A 211 8.25 4.26 2.17
N LYS A 212 8.79 5.39 1.75
CA LYS A 212 9.76 5.44 0.67
C LYS A 212 10.95 6.29 1.07
N VAL A 213 12.16 5.74 0.91
CA VAL A 213 13.37 6.45 1.28
C VAL A 213 14.52 6.18 0.30
N ASP A 214 15.14 7.27 -0.16
CA ASP A 214 16.27 7.18 -1.08
C ASP A 214 17.55 7.53 -0.33
N LYS A 215 18.40 6.54 -0.11
CA LYS A 215 19.62 6.76 0.64
C LYS A 215 20.86 6.72 -0.24
N LYS A 216 21.66 7.78 -0.18
CA LYS A 216 22.88 7.89 -0.94
C LYS A 216 24.02 7.20 -0.20
N VAL A 217 24.66 6.25 -0.87
CA VAL A 217 25.76 5.51 -0.26
C VAL A 217 27.11 6.03 -0.74
N GLU A 218 27.66 6.98 0.01
CA GLU A 218 28.96 7.57 -0.30
C GLU A 218 30.08 6.87 0.42
N PRO A 219 31.28 6.89 -0.17
CA PRO A 219 32.46 6.22 0.38
C PRO A 219 32.92 6.84 1.68
N LYS A 220 33.89 6.20 2.34
CA LYS A 220 34.54 6.72 3.53
C LYS A 220 35.26 5.60 4.27
N ASP B 1 -0.71 -42.79 6.51
CA ASP B 1 -0.60 -41.89 5.36
C ASP B 1 0.54 -42.33 4.45
N ILE B 2 0.21 -42.61 3.19
CA ILE B 2 1.20 -43.07 2.23
C ILE B 2 2.34 -42.05 2.09
N VAL B 3 3.43 -42.30 2.82
CA VAL B 3 4.57 -41.40 2.83
C VAL B 3 5.31 -41.38 1.50
N MET B 4 5.68 -40.19 1.04
CA MET B 4 6.45 -40.02 -0.18
C MET B 4 7.84 -39.49 0.16
N THR B 5 8.87 -40.19 -0.28
CA THR B 5 10.24 -39.80 0.04
C THR B 5 11.05 -39.55 -1.22
N GLN B 6 11.56 -38.33 -1.36
CA GLN B 6 12.33 -37.96 -2.54
C GLN B 6 13.82 -37.85 -2.26
N THR B 7 14.62 -38.07 -3.30
CA THR B 7 16.07 -37.89 -3.24
C THR B 7 16.59 -37.58 -4.63
N PRO B 8 17.58 -36.69 -4.73
CA PRO B 8 18.21 -35.98 -3.61
C PRO B 8 17.43 -34.73 -3.23
N LEU B 9 17.75 -34.14 -2.09
CA LEU B 9 17.10 -32.91 -1.65
C LEU B 9 17.46 -31.78 -2.62
N SER B 10 18.71 -31.80 -3.10
CA SER B 10 19.17 -30.82 -4.06
C SER B 10 19.92 -31.53 -5.19
N LEU B 11 19.80 -31.00 -6.40
CA LEU B 11 20.36 -31.68 -7.57
C LEU B 11 20.83 -30.69 -8.64
N PRO B 12 22.13 -30.35 -8.61
CA PRO B 12 22.72 -29.50 -9.66
C PRO B 12 22.88 -30.28 -10.96
N VAL B 13 22.62 -29.64 -12.10
CA VAL B 13 22.71 -30.32 -13.38
C VAL B 13 23.37 -29.46 -14.45
N THR B 14 24.19 -30.09 -15.29
CA THR B 14 24.84 -29.40 -16.39
C THR B 14 23.97 -29.45 -17.64
N PRO B 15 23.63 -28.28 -18.18
CA PRO B 15 22.79 -28.16 -19.39
C PRO B 15 23.31 -29.03 -20.54
N GLY B 16 22.46 -29.92 -21.03
CA GLY B 16 22.83 -30.81 -22.11
C GLY B 16 22.99 -32.25 -21.66
N GLU B 17 23.31 -32.43 -20.39
CA GLU B 17 23.48 -33.74 -19.80
C GLU B 17 22.16 -34.29 -19.25
N PRO B 18 22.12 -35.58 -18.90
CA PRO B 18 20.95 -36.19 -18.29
C PRO B 18 20.70 -35.67 -16.88
N ALA B 19 19.70 -36.25 -16.22
CA ALA B 19 19.31 -35.87 -14.86
C ALA B 19 18.15 -36.73 -14.40
N SER B 20 18.16 -37.11 -13.12
CA SER B 20 17.16 -38.02 -12.58
C SER B 20 16.76 -37.67 -11.16
N ILE B 21 15.48 -37.87 -10.83
CA ILE B 21 14.98 -37.66 -9.48
C ILE B 21 14.20 -38.90 -9.07
N SER B 22 14.43 -39.37 -7.85
CA SER B 22 13.80 -40.59 -7.37
C SER B 22 12.76 -40.31 -6.30
N CYS B 23 11.67 -41.08 -6.34
CA CYS B 23 10.62 -40.97 -5.35
C CYS B 23 10.24 -42.36 -4.85
N ARG B 24 9.84 -42.45 -3.59
CA ARG B 24 9.47 -43.73 -3.02
C ARG B 24 8.27 -43.60 -2.08
N SER B 25 7.28 -44.47 -2.28
CA SER B 25 6.06 -44.45 -1.50
C SER B 25 6.01 -45.58 -0.48
N SER B 26 5.51 -45.30 0.72
CA SER B 26 5.39 -46.31 1.75
C SER B 26 4.55 -47.49 1.28
N LYS B 27 3.43 -47.20 0.61
CA LYS B 27 2.54 -48.23 0.11
C LYS B 27 2.63 -48.38 -1.40
N SER B 28 2.02 -49.45 -1.91
CA SER B 28 1.95 -49.69 -3.35
C SER B 28 0.90 -48.76 -3.97
N LEU B 29 1.34 -47.96 -4.94
CA LEU B 29 0.44 -47.00 -5.59
C LEU B 29 -0.21 -47.56 -6.85
N LEU B 30 -0.16 -48.88 -7.00
CA LEU B 30 -0.83 -49.56 -8.10
C LEU B 30 -2.27 -49.91 -7.70
N HIS B 31 -3.19 -49.86 -8.66
CA HIS B 31 -4.58 -50.19 -8.39
C HIS B 31 -5.10 -51.26 -9.35
N SER B 32 -6.23 -51.87 -8.98
CA SER B 32 -6.83 -52.93 -9.78
C SER B 32 -7.01 -52.51 -11.24
N ASN B 33 -7.43 -51.26 -11.44
CA ASN B 33 -7.58 -50.71 -12.78
C ASN B 33 -6.28 -50.80 -13.60
N GLY B 34 -5.16 -50.94 -12.90
CA GLY B 34 -3.87 -51.02 -13.55
C GLY B 34 -3.14 -49.69 -13.46
N ILE B 35 -3.91 -48.63 -13.26
CA ILE B 35 -3.35 -47.29 -13.16
C ILE B 35 -2.61 -47.07 -11.85
N THR B 36 -1.35 -46.64 -11.95
CA THR B 36 -0.55 -46.29 -10.79
C THR B 36 -0.71 -44.79 -10.52
N TYR B 37 -1.10 -44.47 -9.29
CA TYR B 37 -1.41 -43.08 -8.95
C TYR B 37 -0.23 -42.32 -8.37
N LEU B 38 0.78 -42.08 -9.20
CA LEU B 38 1.91 -41.24 -8.83
C LEU B 38 1.94 -40.02 -9.73
N TYR B 39 2.18 -38.85 -9.14
CA TYR B 39 2.17 -37.61 -9.91
C TYR B 39 3.45 -36.82 -9.71
N TRP B 40 3.93 -36.20 -10.79
CA TRP B 40 5.11 -35.35 -10.72
C TRP B 40 4.73 -33.89 -11.00
N TYR B 41 5.01 -33.03 -10.03
CA TYR B 41 4.74 -31.61 -10.19
C TYR B 41 6.05 -30.82 -10.22
N LEU B 42 6.11 -29.83 -11.11
CA LEU B 42 7.24 -28.93 -11.17
C LEU B 42 6.84 -27.52 -10.74
N GLN B 43 7.60 -26.95 -9.81
CA GLN B 43 7.38 -25.58 -9.39
C GLN B 43 8.56 -24.70 -9.80
N LYS B 44 8.42 -24.03 -10.93
CA LYS B 44 9.46 -23.11 -11.40
C LYS B 44 9.54 -21.91 -10.47
N PRO B 45 10.75 -21.35 -10.33
CA PRO B 45 11.03 -20.25 -9.40
C PRO B 45 10.01 -19.11 -9.49
N GLY B 46 9.39 -18.78 -8.37
CA GLY B 46 8.45 -17.68 -8.30
C GLY B 46 7.08 -18.00 -8.87
N GLN B 47 6.88 -19.24 -9.29
CA GLN B 47 5.63 -19.64 -9.91
C GLN B 47 4.83 -20.63 -9.07
N SER B 48 3.61 -20.90 -9.52
CA SER B 48 2.78 -21.93 -8.92
C SER B 48 3.16 -23.27 -9.52
N PRO B 49 2.95 -24.36 -8.75
CA PRO B 49 3.23 -25.70 -9.27
C PRO B 49 2.45 -25.97 -10.54
N GLN B 50 2.99 -26.81 -11.41
CA GLN B 50 2.30 -27.22 -12.62
C GLN B 50 2.42 -28.73 -12.79
N LEU B 51 1.31 -29.38 -13.13
CA LEU B 51 1.32 -30.82 -13.36
C LEU B 51 2.27 -31.16 -14.49
N LEU B 52 3.19 -32.08 -14.23
CA LEU B 52 4.18 -32.47 -15.22
C LEU B 52 3.89 -33.87 -15.73
N ILE B 53 3.76 -34.81 -14.81
CA ILE B 53 3.44 -36.19 -15.17
C ILE B 53 2.33 -36.71 -14.26
N TYR B 54 1.32 -37.31 -14.87
CA TYR B 54 0.21 -37.86 -14.11
C TYR B 54 0.13 -39.38 -14.28
N GLN B 55 -0.23 -40.07 -13.20
CA GLN B 55 -0.32 -41.52 -13.21
C GLN B 55 0.97 -42.18 -13.70
N MET B 56 2.07 -41.85 -13.02
CA MET B 56 3.39 -42.43 -13.26
C MET B 56 4.10 -42.00 -14.54
N SER B 57 3.55 -42.38 -15.70
CA SER B 57 4.30 -42.21 -16.94
C SER B 57 3.62 -41.33 -18.01
N ASN B 58 2.51 -40.69 -17.63
CA ASN B 58 1.78 -39.89 -18.60
C ASN B 58 2.23 -38.43 -18.65
N LEU B 59 2.58 -37.97 -19.86
CA LEU B 59 3.06 -36.61 -20.06
C LEU B 59 1.90 -35.64 -20.26
N VAL B 60 1.85 -34.61 -19.43
CA VAL B 60 0.89 -33.53 -19.60
C VAL B 60 1.18 -32.80 -20.91
N SER B 61 0.13 -32.28 -21.54
CA SER B 61 0.27 -31.57 -22.81
C SER B 61 1.22 -30.39 -22.67
N GLY B 62 2.17 -30.27 -23.58
CA GLY B 62 3.12 -29.16 -23.55
C GLY B 62 4.46 -29.49 -22.91
N VAL B 63 4.51 -30.60 -22.18
CA VAL B 63 5.77 -31.01 -21.56
C VAL B 63 6.71 -31.59 -22.61
N PRO B 64 7.91 -31.02 -22.73
CA PRO B 64 8.90 -31.52 -23.70
C PRO B 64 9.14 -33.02 -23.50
N ASP B 65 9.19 -33.77 -24.59
CA ASP B 65 9.31 -35.22 -24.51
C ASP B 65 10.65 -35.64 -23.92
N ARG B 66 11.52 -34.66 -23.68
CA ARG B 66 12.78 -34.91 -23.00
C ARG B 66 12.48 -35.44 -21.59
N PHE B 67 11.41 -34.94 -20.99
CA PHE B 67 10.93 -35.46 -19.73
C PHE B 67 10.26 -36.81 -19.94
N SER B 68 10.29 -37.65 -18.92
CA SER B 68 9.64 -38.95 -18.98
C SER B 68 9.57 -39.55 -17.58
N GLY B 69 8.46 -40.23 -17.29
CA GLY B 69 8.26 -40.82 -15.98
C GLY B 69 8.14 -42.32 -16.04
N SER B 70 8.77 -42.99 -15.09
CA SER B 70 8.70 -44.44 -14.99
C SER B 70 8.54 -44.82 -13.53
N GLY B 71 8.46 -46.11 -13.26
CA GLY B 71 8.29 -46.58 -11.91
C GLY B 71 8.18 -48.09 -11.84
N SER B 72 8.30 -48.63 -10.63
CA SER B 72 8.25 -50.06 -10.42
C SER B 72 7.78 -50.37 -9.01
N GLY B 73 6.51 -50.71 -8.88
CA GLY B 73 5.94 -51.04 -7.59
C GLY B 73 5.87 -49.86 -6.65
N THR B 74 7.01 -49.50 -6.07
CA THR B 74 7.08 -48.43 -5.09
C THR B 74 8.22 -47.45 -5.41
N ASP B 75 9.11 -47.85 -6.31
CA ASP B 75 10.20 -46.99 -6.75
C ASP B 75 9.84 -46.25 -8.04
N PHE B 76 9.82 -44.93 -7.98
CA PHE B 76 9.50 -44.12 -9.14
C PHE B 76 10.66 -43.19 -9.50
N THR B 77 10.71 -42.75 -10.75
CA THR B 77 11.83 -41.95 -11.22
C THR B 77 11.44 -40.97 -12.31
N LEU B 78 11.95 -39.74 -12.21
CA LEU B 78 11.76 -38.74 -13.24
C LEU B 78 13.07 -38.55 -14.01
N LYS B 79 12.98 -38.56 -15.34
CA LYS B 79 14.18 -38.43 -16.16
C LYS B 79 14.12 -37.25 -17.12
N ILE B 80 15.24 -36.56 -17.25
CA ILE B 80 15.37 -35.47 -18.22
C ILE B 80 16.53 -35.77 -19.16
N SER B 81 16.22 -36.42 -20.29
CA SER B 81 17.24 -36.88 -21.23
C SER B 81 18.39 -35.88 -21.32
N ARG B 82 18.06 -34.65 -21.66
CA ARG B 82 19.03 -33.55 -21.64
C ARG B 82 18.39 -32.38 -20.92
N VAL B 83 19.17 -31.66 -20.12
CA VAL B 83 18.61 -30.60 -19.30
C VAL B 83 18.69 -29.22 -19.92
N GLU B 84 17.57 -28.50 -19.89
CA GLU B 84 17.52 -27.10 -20.30
C GLU B 84 17.62 -26.21 -19.08
N ALA B 85 18.03 -24.96 -19.30
CA ALA B 85 18.12 -23.99 -18.21
C ALA B 85 16.74 -23.67 -17.66
N GLU B 86 15.71 -24.09 -18.39
CA GLU B 86 14.33 -23.77 -18.04
C GLU B 86 13.67 -24.86 -17.19
N ASP B 87 14.41 -25.93 -16.91
CA ASP B 87 13.88 -27.04 -16.13
C ASP B 87 14.16 -26.88 -14.64
N VAL B 88 14.75 -25.75 -14.27
CA VAL B 88 15.13 -25.51 -12.88
C VAL B 88 13.92 -25.18 -12.01
N GLY B 89 13.95 -25.66 -10.77
CA GLY B 89 12.86 -25.47 -9.84
C GLY B 89 12.74 -26.67 -8.91
N VAL B 90 11.71 -26.69 -8.07
CA VAL B 90 11.52 -27.82 -7.17
C VAL B 90 10.52 -28.83 -7.74
N TYR B 91 10.95 -30.08 -7.86
CA TYR B 91 10.08 -31.15 -8.35
C TYR B 91 9.49 -31.92 -7.18
N TYR B 92 8.16 -31.95 -7.11
CA TYR B 92 7.48 -32.72 -6.06
C TYR B 92 6.79 -33.95 -6.66
N CYS B 93 6.86 -35.06 -5.92
CA CYS B 93 6.09 -36.24 -6.28
C CYS B 93 4.92 -36.35 -5.30
N ALA B 94 3.82 -36.95 -5.74
CA ALA B 94 2.64 -37.04 -4.89
C ALA B 94 1.75 -38.24 -5.23
N GLN B 95 0.86 -38.57 -4.31
CA GLN B 95 -0.09 -39.65 -4.51
C GLN B 95 -1.51 -39.19 -4.21
N ASN B 96 -2.46 -39.62 -5.03
CA ASN B 96 -3.87 -39.35 -4.77
C ASN B 96 -4.67 -40.64 -4.68
N LEU B 97 -3.96 -41.73 -4.39
CA LEU B 97 -4.57 -43.04 -4.25
C LEU B 97 -5.33 -43.15 -2.95
N GLU B 98 -4.90 -42.41 -1.93
CA GLU B 98 -5.55 -42.45 -0.63
C GLU B 98 -5.60 -41.09 0.06
N LEU B 99 -6.74 -40.82 0.69
CA LEU B 99 -6.88 -39.67 1.57
C LEU B 99 -6.17 -39.97 2.88
N PRO B 100 -5.44 -38.99 3.43
CA PRO B 100 -5.25 -37.68 2.80
C PRO B 100 -4.15 -37.72 1.74
N TYR B 101 -4.28 -36.90 0.71
CA TYR B 101 -3.28 -36.80 -0.34
C TYR B 101 -1.96 -36.30 0.24
N THR B 102 -0.85 -36.80 -0.28
CA THR B 102 0.46 -36.48 0.26
C THR B 102 1.51 -36.22 -0.81
N PHE B 103 2.51 -35.41 -0.47
CA PHE B 103 3.60 -35.07 -1.38
C PHE B 103 4.93 -35.55 -0.82
N GLY B 104 5.95 -35.53 -1.66
CA GLY B 104 7.31 -35.75 -1.22
C GLY B 104 7.94 -34.42 -0.84
N GLY B 105 9.08 -34.46 -0.16
CA GLY B 105 9.75 -33.25 0.28
C GLY B 105 10.14 -32.34 -0.87
N GLY B 106 10.31 -32.93 -2.05
CA GLY B 106 10.66 -32.16 -3.23
C GLY B 106 12.15 -32.21 -3.52
N THR B 107 12.50 -31.99 -4.78
CA THR B 107 13.88 -31.98 -5.22
C THR B 107 14.19 -30.69 -5.97
N LYS B 108 15.10 -29.89 -5.43
CA LYS B 108 15.44 -28.61 -6.01
C LYS B 108 16.52 -28.75 -7.08
N VAL B 109 16.12 -28.56 -8.34
CA VAL B 109 17.05 -28.69 -9.46
C VAL B 109 17.66 -27.35 -9.82
N GLU B 110 18.98 -27.30 -9.82
CA GLU B 110 19.72 -26.07 -10.14
C GLU B 110 20.83 -26.35 -11.15
N ILE B 111 21.37 -25.29 -11.75
CA ILE B 111 22.40 -25.43 -12.77
C ILE B 111 23.79 -25.65 -12.17
N LYS B 112 24.45 -26.73 -12.58
CA LYS B 112 25.80 -27.04 -12.13
C LYS B 112 26.84 -26.39 -13.02
N ARG B 113 27.64 -25.50 -12.45
CA ARG B 113 28.70 -24.86 -13.20
C ARG B 113 30.06 -25.01 -12.52
N THR B 114 31.09 -24.49 -13.16
CA THR B 114 32.44 -24.55 -12.61
C THR B 114 32.53 -23.73 -11.33
N VAL B 115 33.27 -24.24 -10.36
CA VAL B 115 33.42 -23.58 -9.07
C VAL B 115 33.94 -22.15 -9.21
N ALA B 116 33.40 -21.25 -8.39
CA ALA B 116 33.87 -19.88 -8.34
C ALA B 116 34.02 -19.45 -6.89
N ALA B 117 35.22 -19.00 -6.53
CA ALA B 117 35.48 -18.51 -5.18
C ALA B 117 34.69 -17.23 -4.92
N PRO B 118 34.16 -17.07 -3.71
CA PRO B 118 33.45 -15.84 -3.33
C PRO B 118 34.40 -14.66 -3.21
N SER B 119 33.99 -13.51 -3.74
CA SER B 119 34.64 -12.26 -3.44
C SER B 119 34.06 -11.78 -2.11
N VAL B 120 34.93 -11.42 -1.17
CA VAL B 120 34.47 -11.10 0.18
C VAL B 120 34.64 -9.63 0.54
N PHE B 121 33.58 -9.04 1.07
CA PHE B 121 33.61 -7.67 1.55
C PHE B 121 32.98 -7.60 2.95
N ILE B 122 33.55 -6.78 3.82
CA ILE B 122 32.97 -6.58 5.14
C ILE B 122 32.52 -5.13 5.30
N PHE B 123 31.44 -4.93 6.06
CA PHE B 123 30.87 -3.61 6.27
C PHE B 123 30.69 -3.29 7.74
N PRO B 124 31.35 -2.22 8.21
CA PRO B 124 31.15 -1.74 9.58
C PRO B 124 29.78 -1.13 9.72
N PRO B 125 29.30 -0.97 10.96
CA PRO B 125 28.03 -0.27 11.18
C PRO B 125 28.13 1.19 10.74
N SER B 126 27.12 1.68 10.04
CA SER B 126 27.07 3.10 9.72
C SER B 126 27.00 3.87 11.03
N ASP B 127 27.44 5.12 11.00
CA ASP B 127 27.39 5.96 12.20
C ASP B 127 25.94 6.29 12.57
N GLU B 128 25.07 6.30 11.56
CA GLU B 128 23.65 6.58 11.79
C GLU B 128 23.02 5.52 12.69
N GLN B 129 23.31 4.25 12.40
CA GLN B 129 22.75 3.16 13.19
C GLN B 129 23.35 3.17 14.60
N LEU B 130 24.59 3.61 14.70
CA LEU B 130 25.28 3.62 15.99
C LEU B 130 24.64 4.61 16.96
N LYS B 131 24.23 5.76 16.44
CA LYS B 131 23.55 6.75 17.26
C LYS B 131 22.19 6.20 17.70
N SER B 132 21.69 5.21 16.97
CA SER B 132 20.42 4.57 17.31
C SER B 132 20.64 3.49 18.36
N GLY B 133 21.89 3.24 18.71
CA GLY B 133 22.21 2.32 19.79
C GLY B 133 22.51 0.89 19.37
N THR B 134 22.52 0.64 18.07
CA THR B 134 22.75 -0.71 17.57
C THR B 134 23.85 -0.75 16.50
N ALA B 135 24.52 -1.90 16.39
CA ALA B 135 25.59 -2.05 15.42
C ALA B 135 25.45 -3.33 14.62
N SER B 136 25.16 -3.19 13.33
CA SER B 136 25.09 -4.35 12.44
C SER B 136 26.35 -4.42 11.57
N VAL B 137 27.02 -5.56 11.60
CA VAL B 137 28.20 -5.77 10.78
C VAL B 137 27.87 -6.77 9.68
N VAL B 138 28.12 -6.37 8.43
CA VAL B 138 27.73 -7.18 7.28
C VAL B 138 28.92 -7.71 6.49
N CYS B 139 28.96 -9.02 6.32
CA CYS B 139 29.97 -9.66 5.48
C CYS B 139 29.29 -10.18 4.22
N LEU B 140 29.83 -9.81 3.07
CA LEU B 140 29.24 -10.17 1.79
C LEU B 140 30.08 -11.18 1.00
N LEU B 141 29.47 -12.31 0.66
CA LEU B 141 30.10 -13.29 -0.23
C LEU B 141 29.43 -13.19 -1.59
N ASN B 142 30.13 -12.61 -2.56
CA ASN B 142 29.51 -12.26 -3.82
C ASN B 142 29.90 -13.14 -5.00
N ASN B 143 28.91 -13.46 -5.83
CA ASN B 143 29.12 -14.21 -7.07
C ASN B 143 30.02 -15.44 -6.93
N PHE B 144 29.55 -16.43 -6.17
CA PHE B 144 30.32 -17.65 -5.97
C PHE B 144 29.50 -18.90 -6.29
N TYR B 145 30.19 -20.03 -6.34
CA TYR B 145 29.56 -21.32 -6.60
C TYR B 145 30.53 -22.43 -6.20
N PRO B 146 30.01 -23.51 -5.58
CA PRO B 146 28.60 -23.78 -5.30
C PRO B 146 28.06 -22.96 -4.13
N ARG B 147 26.87 -23.32 -3.64
CA ARG B 147 26.20 -22.55 -2.60
C ARG B 147 26.79 -22.81 -1.21
N GLU B 148 27.09 -24.08 -0.94
CA GLU B 148 27.66 -24.47 0.35
C GLU B 148 28.83 -23.58 0.73
N ALA B 149 28.81 -23.08 1.97
CA ALA B 149 29.84 -22.17 2.44
C ALA B 149 29.76 -22.00 3.95
N LYS B 150 30.92 -21.95 4.59
CA LYS B 150 30.97 -21.68 6.03
C LYS B 150 31.47 -20.27 6.27
N VAL B 151 30.66 -19.49 6.98
CA VAL B 151 31.01 -18.12 7.31
C VAL B 151 30.97 -17.92 8.82
N GLN B 152 32.13 -17.69 9.42
CA GLN B 152 32.19 -17.51 10.85
C GLN B 152 32.79 -16.17 11.26
N TRP B 153 32.20 -15.56 12.27
CA TRP B 153 32.65 -14.27 12.77
C TRP B 153 33.64 -14.44 13.92
N LYS B 154 34.75 -13.72 13.84
CA LYS B 154 35.71 -13.66 14.93
C LYS B 154 35.83 -12.22 15.42
N VAL B 155 35.65 -12.03 16.73
CA VAL B 155 35.78 -10.72 17.35
C VAL B 155 36.96 -10.75 18.33
N ASP B 156 38.00 -9.99 18.00
CA ASP B 156 39.26 -10.09 18.72
C ASP B 156 39.72 -11.56 18.76
N ASN B 157 39.58 -12.22 17.62
CA ASN B 157 39.96 -13.61 17.45
C ASN B 157 39.11 -14.58 18.26
N ALA B 158 37.98 -14.11 18.75
CA ALA B 158 37.03 -14.95 19.48
C ALA B 158 35.85 -15.34 18.60
N LEU B 159 35.70 -16.64 18.35
CA LEU B 159 34.64 -17.15 17.50
C LEU B 159 33.25 -16.90 18.10
N GLN B 160 32.37 -16.29 17.32
CA GLN B 160 31.02 -16.00 17.77
C GLN B 160 30.06 -17.16 17.52
N SER B 161 28.90 -17.11 18.18
CA SER B 161 27.88 -18.15 18.02
C SER B 161 26.48 -17.61 18.26
N GLY B 162 25.56 -17.96 17.35
CA GLY B 162 24.18 -17.52 17.46
C GLY B 162 24.02 -16.02 17.32
N ASN B 163 25.15 -15.33 17.19
CA ASN B 163 25.16 -13.88 17.13
C ASN B 163 24.88 -13.34 15.73
N SER B 164 24.73 -14.25 14.77
CA SER B 164 24.63 -13.85 13.37
C SER B 164 23.49 -14.54 12.61
N GLN B 165 23.09 -13.92 11.50
CA GLN B 165 22.07 -14.49 10.62
C GLN B 165 22.50 -14.32 9.17
N GLU B 166 22.31 -15.36 8.37
CA GLU B 166 22.68 -15.27 6.96
C GLU B 166 21.49 -15.47 6.03
N SER B 167 21.58 -14.84 4.86
CA SER B 167 20.55 -14.95 3.83
C SER B 167 21.22 -15.11 2.48
N VAL B 168 20.67 -15.99 1.66
CA VAL B 168 21.32 -16.35 0.40
C VAL B 168 20.42 -16.09 -0.81
N THR B 169 20.99 -15.45 -1.82
CA THR B 169 20.30 -15.18 -3.06
C THR B 169 20.00 -16.50 -3.77
N GLU B 170 19.10 -16.48 -4.74
CA GLU B 170 18.84 -17.64 -5.57
C GLU B 170 19.74 -17.58 -6.80
N GLN B 171 20.05 -18.74 -7.37
CA GLN B 171 20.99 -18.82 -8.48
C GLN B 171 20.71 -17.78 -9.56
N ASP B 172 21.71 -16.96 -9.85
CA ASP B 172 21.61 -15.94 -10.89
C ASP B 172 21.42 -16.62 -12.24
N SER B 173 20.56 -16.04 -13.08
CA SER B 173 20.23 -16.65 -14.37
C SER B 173 21.28 -16.35 -15.43
N LYS B 174 22.12 -15.37 -15.18
CA LYS B 174 23.15 -14.98 -16.15
C LYS B 174 24.44 -15.80 -16.00
N ASP B 175 24.86 -16.04 -14.77
CA ASP B 175 26.13 -16.72 -14.52
C ASP B 175 26.03 -17.88 -13.53
N SER B 176 24.83 -18.16 -13.03
CA SER B 176 24.62 -19.32 -12.16
C SER B 176 25.37 -19.24 -10.83
N THR B 177 25.70 -18.03 -10.38
CA THR B 177 26.39 -17.86 -9.11
C THR B 177 25.43 -17.47 -8.01
N TYR B 178 25.87 -17.59 -6.76
CA TYR B 178 25.07 -17.20 -5.61
C TYR B 178 25.70 -16.00 -4.89
N SER B 179 25.00 -15.53 -3.87
CA SER B 179 25.52 -14.47 -3.00
C SER B 179 24.95 -14.67 -1.60
N LEU B 180 25.79 -14.51 -0.60
CA LEU B 180 25.37 -14.73 0.78
C LEU B 180 25.77 -13.54 1.66
N SER B 181 24.86 -13.15 2.55
CA SER B 181 25.14 -12.08 3.49
C SER B 181 25.04 -12.63 4.90
N SER B 182 26.05 -12.35 5.70
CA SER B 182 26.04 -12.75 7.10
C SER B 182 26.07 -11.51 7.98
N THR B 183 24.93 -11.21 8.60
CA THR B 183 24.82 -10.02 9.43
C THR B 183 25.09 -10.35 10.89
N LEU B 184 25.91 -9.52 11.52
CA LEU B 184 26.20 -9.64 12.94
C LEU B 184 25.59 -8.45 13.67
N THR B 185 24.83 -8.72 14.73
CA THR B 185 24.19 -7.63 15.47
C THR B 185 24.72 -7.56 16.90
N LEU B 186 25.00 -6.35 17.35
CA LEU B 186 25.54 -6.12 18.68
C LEU B 186 24.97 -4.85 19.29
N SER B 187 25.10 -4.70 20.60
CA SER B 187 24.79 -3.45 21.25
C SER B 187 25.82 -2.44 20.82
N LYS B 188 25.46 -1.16 20.83
CA LYS B 188 26.43 -0.11 20.60
C LYS B 188 27.54 -0.22 21.63
N ALA B 189 27.17 -0.68 22.82
CA ALA B 189 28.11 -0.81 23.93
C ALA B 189 28.98 -2.06 23.81
N ASP B 190 28.36 -3.16 23.41
CA ASP B 190 29.09 -4.41 23.18
C ASP B 190 30.02 -4.28 21.99
N TYR B 191 29.69 -3.33 21.12
CA TYR B 191 30.47 -3.12 19.89
C TYR B 191 31.71 -2.28 20.17
N GLU B 192 31.65 -1.45 21.21
CA GLU B 192 32.78 -0.59 21.55
C GLU B 192 33.71 -1.20 22.60
N LYS B 193 33.50 -2.48 22.89
CA LYS B 193 34.38 -3.22 23.80
C LYS B 193 35.52 -3.86 23.03
N HIS B 194 35.31 -4.12 21.75
CA HIS B 194 36.27 -4.86 20.94
C HIS B 194 36.80 -4.03 19.77
N LYS B 195 37.95 -4.42 19.24
CA LYS B 195 38.58 -3.67 18.15
C LYS B 195 38.45 -4.36 16.79
N VAL B 196 38.93 -5.60 16.71
CA VAL B 196 38.97 -6.31 15.44
C VAL B 196 37.74 -7.18 15.19
N TYR B 197 37.01 -6.87 14.13
CA TYR B 197 35.88 -7.67 13.70
C TYR B 197 36.18 -8.36 12.38
N ALA B 198 36.16 -9.69 12.38
CA ALA B 198 36.60 -10.45 11.23
C ALA B 198 35.52 -11.38 10.67
N CYS B 199 35.51 -11.51 9.35
CA CYS B 199 34.63 -12.46 8.67
C CYS B 199 35.47 -13.50 7.93
N GLU B 200 35.47 -14.74 8.42
CA GLU B 200 36.28 -15.80 7.82
C GLU B 200 35.44 -16.74 6.95
N VAL B 201 35.81 -16.88 5.69
CA VAL B 201 35.04 -17.66 4.73
C VAL B 201 35.74 -18.94 4.25
N THR B 202 35.04 -20.07 4.36
CA THR B 202 35.52 -21.31 3.79
C THR B 202 34.64 -21.69 2.59
N HIS B 203 35.28 -22.13 1.51
CA HIS B 203 34.56 -22.47 0.29
C HIS B 203 35.41 -23.38 -0.60
N GLN B 204 34.74 -24.13 -1.47
CA GLN B 204 35.43 -25.06 -2.35
C GLN B 204 36.42 -24.34 -3.27
N GLY B 205 36.16 -23.06 -3.52
CA GLY B 205 36.97 -22.30 -4.45
C GLY B 205 38.12 -21.56 -3.80
N LEU B 206 38.35 -21.83 -2.52
CA LEU B 206 39.43 -21.18 -1.80
C LEU B 206 40.39 -22.22 -1.20
N SER B 207 41.65 -22.17 -1.63
CA SER B 207 42.66 -23.09 -1.13
C SER B 207 42.57 -23.17 0.39
N SER B 208 42.45 -22.00 1.01
CA SER B 208 42.29 -21.91 2.45
C SER B 208 41.36 -20.75 2.78
N PRO B 209 40.78 -20.78 3.99
CA PRO B 209 39.84 -19.74 4.44
C PRO B 209 40.34 -18.33 4.16
N VAL B 210 39.42 -17.47 3.72
CA VAL B 210 39.73 -16.07 3.46
C VAL B 210 39.08 -15.21 4.53
N THR B 211 39.89 -14.38 5.18
CA THR B 211 39.40 -13.51 6.24
C THR B 211 39.42 -12.04 5.83
N LYS B 212 38.30 -11.36 6.05
CA LYS B 212 38.22 -9.92 5.85
C LYS B 212 37.80 -9.28 7.17
N SER B 213 38.53 -8.25 7.59
CA SER B 213 38.27 -7.64 8.89
C SER B 213 38.52 -6.14 8.90
N PHE B 214 38.22 -5.53 10.04
CA PHE B 214 38.46 -4.10 10.23
C PHE B 214 38.62 -3.80 11.71
N ASN B 215 39.34 -2.73 12.02
CA ASN B 215 39.45 -2.27 13.40
C ASN B 215 38.41 -1.19 13.64
N ARG B 216 37.66 -1.33 14.73
CA ARG B 216 36.59 -0.38 15.04
C ARG B 216 37.09 1.04 15.14
N GLY B 217 36.30 1.98 14.62
CA GLY B 217 36.55 3.39 14.79
C GLY B 217 37.74 3.95 14.04
N GLU B 218 38.23 3.21 13.04
CA GLU B 218 39.37 3.69 12.27
C GLU B 218 39.43 3.16 10.84
N CYS B 219 39.44 4.09 9.88
CA CYS B 219 39.61 3.78 8.48
C CYS B 219 40.56 4.79 7.86
N GLN C 1 -32.25 16.35 -19.30
CA GLN C 1 -33.09 17.44 -18.83
C GLN C 1 -33.49 17.29 -17.36
N VAL C 2 -33.15 16.16 -16.76
CA VAL C 2 -33.43 15.94 -15.35
C VAL C 2 -32.60 16.87 -14.48
N GLN C 3 -33.22 17.45 -13.46
CA GLN C 3 -32.51 18.39 -12.59
C GLN C 3 -32.97 18.31 -11.14
N LEU C 4 -32.00 18.35 -10.23
CA LEU C 4 -32.27 18.35 -8.80
C LEU C 4 -31.59 19.54 -8.15
N VAL C 5 -32.39 20.48 -7.66
CA VAL C 5 -31.86 21.70 -7.08
C VAL C 5 -32.18 21.79 -5.59
N GLN C 6 -31.13 21.87 -4.77
CA GLN C 6 -31.29 21.88 -3.31
C GLN C 6 -31.24 23.29 -2.74
N SER C 7 -31.75 23.45 -1.53
CA SER C 7 -31.72 24.72 -0.83
C SER C 7 -30.30 25.08 -0.41
N GLY C 8 -30.10 26.34 -0.01
CA GLY C 8 -28.77 26.85 0.28
C GLY C 8 -28.16 26.37 1.59
N ALA C 9 -26.96 26.86 1.88
CA ALA C 9 -26.23 26.46 3.08
C ALA C 9 -27.02 26.76 4.35
N GLU C 10 -26.85 25.92 5.36
CA GLU C 10 -27.56 26.06 6.62
C GLU C 10 -26.58 26.06 7.80
N VAL C 11 -26.89 26.87 8.82
CA VAL C 11 -26.11 26.90 10.05
C VAL C 11 -27.04 26.77 11.24
N LYS C 12 -26.95 25.65 11.95
CA LYS C 12 -27.85 25.37 13.07
C LYS C 12 -27.12 25.19 14.40
N LYS C 13 -27.83 25.47 15.49
CA LYS C 13 -27.31 25.23 16.83
C LYS C 13 -27.67 23.82 17.28
N PRO C 14 -26.82 23.22 18.14
CA PRO C 14 -27.09 21.87 18.65
C PRO C 14 -28.49 21.77 19.25
N GLY C 15 -29.19 20.67 18.95
CA GLY C 15 -30.51 20.46 19.49
C GLY C 15 -31.64 20.87 18.54
N SER C 16 -31.34 21.81 17.65
CA SER C 16 -32.34 22.29 16.71
C SER C 16 -32.55 21.32 15.55
N SER C 17 -33.47 21.65 14.65
CA SER C 17 -33.74 20.84 13.47
C SER C 17 -33.47 21.62 12.18
N VAL C 18 -32.97 20.90 11.18
CA VAL C 18 -32.75 21.50 9.85
C VAL C 18 -33.59 20.74 8.82
N LYS C 19 -34.19 21.49 7.89
CA LYS C 19 -34.96 20.88 6.81
C LYS C 19 -34.42 21.27 5.43
N VAL C 20 -33.85 20.30 4.74
CA VAL C 20 -33.30 20.53 3.41
C VAL C 20 -34.33 20.17 2.34
N SER C 21 -34.40 21.00 1.30
CA SER C 21 -35.37 20.78 0.23
C SER C 21 -34.68 20.30 -1.04
N CYS C 22 -35.40 19.52 -1.84
CA CYS C 22 -34.86 18.98 -3.07
C CYS C 22 -35.89 19.11 -4.19
N LYS C 23 -35.77 20.17 -4.97
CA LYS C 23 -36.69 20.44 -6.07
C LYS C 23 -36.25 19.70 -7.33
N ALA C 24 -37.17 18.92 -7.91
CA ALA C 24 -36.85 18.08 -9.04
C ALA C 24 -37.61 18.47 -10.31
N SER C 25 -37.01 18.22 -11.46
CA SER C 25 -37.62 18.55 -12.74
C SER C 25 -37.09 17.65 -13.85
N GLY C 26 -37.84 17.58 -14.95
CA GLY C 26 -37.42 16.83 -16.12
C GLY C 26 -37.86 15.39 -16.15
N TYR C 27 -38.70 14.99 -15.19
CA TYR C 27 -39.18 13.61 -15.15
C TYR C 27 -40.47 13.48 -14.35
N ALA C 28 -41.07 12.29 -14.38
CA ALA C 28 -42.27 12.01 -13.61
C ALA C 28 -41.93 11.88 -12.12
N PHE C 29 -42.25 12.93 -11.36
CA PHE C 29 -41.82 13.05 -9.97
C PHE C 29 -42.33 11.97 -9.02
N SER C 30 -43.54 11.48 -9.28
CA SER C 30 -44.19 10.56 -8.35
C SER C 30 -43.65 9.14 -8.40
N TYR C 31 -42.96 8.78 -9.49
CA TYR C 31 -42.64 7.38 -9.71
C TYR C 31 -41.15 7.03 -9.73
N SER C 32 -40.34 7.85 -9.06
CA SER C 32 -38.94 7.54 -8.85
C SER C 32 -38.57 7.75 -7.39
N TRP C 33 -37.83 6.79 -6.82
CA TRP C 33 -37.35 6.92 -5.45
C TRP C 33 -36.40 8.11 -5.32
N ILE C 34 -36.56 8.86 -4.24
CA ILE C 34 -35.60 9.92 -3.90
C ILE C 34 -34.79 9.52 -2.68
N ASN C 35 -33.48 9.49 -2.83
CA ASN C 35 -32.59 9.13 -1.73
C ASN C 35 -31.88 10.33 -1.14
N TRP C 36 -31.41 10.19 0.10
CA TRP C 36 -30.64 11.25 0.75
C TRP C 36 -29.31 10.72 1.25
N VAL C 37 -28.23 11.37 0.85
CA VAL C 37 -26.89 10.93 1.19
C VAL C 37 -26.07 12.09 1.77
N ARG C 38 -25.51 11.86 2.95
CA ARG C 38 -24.74 12.87 3.64
C ARG C 38 -23.25 12.55 3.57
N GLN C 39 -22.41 13.57 3.66
CA GLN C 39 -20.96 13.39 3.69
C GLN C 39 -20.32 14.38 4.64
N ALA C 40 -19.80 13.90 5.75
CA ALA C 40 -19.13 14.74 6.72
C ALA C 40 -17.78 15.18 6.17
N PRO C 41 -17.29 16.35 6.60
CA PRO C 41 -16.02 16.92 6.10
C PRO C 41 -14.90 15.91 6.07
N GLY C 42 -14.49 15.50 4.87
CA GLY C 42 -13.36 14.62 4.69
C GLY C 42 -13.69 13.14 4.77
N GLN C 43 -14.90 12.82 5.18
CA GLN C 43 -15.30 11.42 5.33
C GLN C 43 -16.02 10.91 4.08
N GLY C 44 -16.53 9.69 4.16
CA GLY C 44 -17.18 9.06 3.02
C GLY C 44 -18.65 9.36 2.91
N LEU C 45 -19.33 8.62 2.04
CA LEU C 45 -20.75 8.79 1.80
C LEU C 45 -21.57 7.92 2.73
N GLU C 46 -22.59 8.51 3.34
CA GLU C 46 -23.46 7.80 4.26
C GLU C 46 -24.92 7.85 3.82
N TRP C 47 -25.50 6.69 3.54
CA TRP C 47 -26.89 6.62 3.11
C TRP C 47 -27.82 6.94 4.27
N MET C 48 -28.71 7.90 4.07
CA MET C 48 -29.61 8.34 5.12
C MET C 48 -30.99 7.72 5.03
N GLY C 49 -31.58 7.74 3.83
CA GLY C 49 -32.89 7.17 3.62
C GLY C 49 -33.44 7.39 2.22
N ARG C 50 -34.69 7.01 2.01
CA ARG C 50 -35.33 7.15 0.70
C ARG C 50 -36.83 7.33 0.84
N ILE C 51 -37.42 7.98 -0.16
CA ILE C 51 -38.87 8.12 -0.21
C ILE C 51 -39.41 7.91 -1.62
N PHE C 52 -40.58 7.29 -1.71
CA PHE C 52 -41.27 7.16 -2.98
C PHE C 52 -42.48 8.09 -2.98
N PRO C 53 -42.34 9.25 -3.64
CA PRO C 53 -43.36 10.30 -3.62
C PRO C 53 -44.75 9.76 -3.95
N GLY C 54 -44.84 8.90 -4.96
CA GLY C 54 -46.11 8.36 -5.41
C GLY C 54 -47.03 7.85 -4.30
N ASP C 55 -46.43 7.24 -3.28
CA ASP C 55 -47.22 6.67 -2.18
C ASP C 55 -46.73 7.11 -0.81
N GLY C 56 -45.67 7.88 -0.77
CA GLY C 56 -45.14 8.41 0.48
C GLY C 56 -44.30 7.41 1.27
N ASP C 57 -44.03 6.26 0.69
CA ASP C 57 -43.26 5.21 1.36
C ASP C 57 -41.84 5.68 1.66
N THR C 58 -41.35 5.37 2.85
CA THR C 58 -40.01 5.76 3.26
C THR C 58 -39.27 4.68 4.03
N ASP C 59 -37.96 4.61 3.83
CA ASP C 59 -37.10 3.73 4.60
C ASP C 59 -35.92 4.53 5.12
N TYR C 60 -35.53 4.30 6.38
CA TYR C 60 -34.45 5.08 6.99
C TYR C 60 -33.29 4.21 7.45
N ASN C 61 -32.10 4.81 7.46
CA ASN C 61 -30.93 4.16 8.05
C ASN C 61 -31.06 4.15 9.56
N GLY C 62 -31.16 2.97 10.14
CA GLY C 62 -31.39 2.81 11.57
C GLY C 62 -30.40 3.54 12.45
N LYS C 63 -29.24 3.89 11.91
CA LYS C 63 -28.21 4.58 12.69
C LYS C 63 -28.68 5.96 13.17
N PHE C 64 -29.54 6.59 12.39
CA PHE C 64 -30.02 7.93 12.72
C PHE C 64 -31.05 7.92 13.84
N LYS C 65 -31.25 6.76 14.44
CA LYS C 65 -32.15 6.61 15.59
C LYS C 65 -33.45 7.39 15.44
N GLY C 66 -34.04 7.35 14.25
CA GLY C 66 -35.33 7.97 14.01
C GLY C 66 -35.31 9.49 13.95
N ARG C 67 -34.12 10.07 13.82
CA ARG C 67 -33.98 11.52 13.78
C ARG C 67 -34.25 12.11 12.40
N VAL C 68 -34.43 11.23 11.42
CA VAL C 68 -34.63 11.67 10.05
C VAL C 68 -36.07 11.51 9.61
N THR C 69 -36.57 12.49 8.86
CA THR C 69 -37.92 12.43 8.32
C THR C 69 -37.95 12.94 6.88
N ILE C 70 -38.03 12.01 5.94
CA ILE C 70 -38.14 12.37 4.53
C ILE C 70 -39.60 12.51 4.16
N THR C 71 -39.94 13.59 3.45
CA THR C 71 -41.29 13.79 2.94
C THR C 71 -41.23 14.33 1.51
N ALA C 72 -42.36 14.26 0.81
CA ALA C 72 -42.42 14.73 -0.58
C ALA C 72 -43.71 15.51 -0.87
N ASP C 73 -43.57 16.56 -1.68
CA ASP C 73 -44.72 17.36 -2.09
C ASP C 73 -44.95 17.21 -3.59
N LYS C 74 -45.86 16.33 -3.97
CA LYS C 74 -46.12 16.05 -5.38
C LYS C 74 -46.55 17.32 -6.12
N SER C 75 -47.22 18.22 -5.41
CA SER C 75 -47.68 19.48 -5.97
C SER C 75 -46.52 20.33 -6.51
N THR C 76 -45.39 20.30 -5.81
CA THR C 76 -44.26 21.15 -6.16
C THR C 76 -43.04 20.36 -6.61
N SER C 77 -43.20 19.04 -6.72
CA SER C 77 -42.09 18.16 -7.08
C SER C 77 -40.89 18.42 -6.18
N THR C 78 -41.10 18.42 -4.88
CA THR C 78 -40.04 18.73 -3.92
C THR C 78 -39.97 17.71 -2.81
N ALA C 79 -38.79 17.12 -2.61
CA ALA C 79 -38.55 16.23 -1.50
C ALA C 79 -37.91 16.99 -0.36
N TYR C 80 -38.23 16.61 0.88
CA TYR C 80 -37.71 17.29 2.06
C TYR C 80 -37.03 16.31 3.01
N MET C 81 -35.94 16.75 3.60
CA MET C 81 -35.22 15.96 4.59
C MET C 81 -35.06 16.78 5.86
N GLU C 82 -35.72 16.35 6.93
CA GLU C 82 -35.61 17.04 8.21
C GLU C 82 -34.80 16.22 9.20
N LEU C 83 -33.72 16.80 9.69
CA LEU C 83 -32.89 16.16 10.71
C LEU C 83 -33.14 16.87 12.03
N SER C 84 -33.50 16.09 13.05
CA SER C 84 -33.86 16.66 14.35
C SER C 84 -32.81 16.40 15.42
N SER C 85 -32.81 17.22 16.46
CA SER C 85 -31.84 17.11 17.55
C SER C 85 -30.41 17.09 17.02
N LEU C 86 -30.02 18.16 16.34
CA LEU C 86 -28.70 18.23 15.70
C LEU C 86 -27.55 18.21 16.70
N ARG C 87 -26.51 17.47 16.34
CA ARG C 87 -25.28 17.40 17.12
C ARG C 87 -24.11 17.71 16.20
N SER C 88 -22.96 18.07 16.78
CA SER C 88 -21.81 18.53 15.99
C SER C 88 -21.43 17.60 14.83
N GLU C 89 -21.61 16.30 15.04
CA GLU C 89 -21.23 15.33 14.01
C GLU C 89 -22.22 15.29 12.84
N ASP C 90 -23.31 16.05 12.95
CA ASP C 90 -24.25 16.17 11.85
C ASP C 90 -23.76 17.19 10.84
N THR C 91 -22.73 17.95 11.22
CA THR C 91 -22.09 18.90 10.31
C THR C 91 -21.60 18.17 9.07
N ALA C 92 -22.26 18.41 7.95
CA ALA C 92 -21.93 17.69 6.72
C ALA C 92 -22.64 18.27 5.50
N VAL C 93 -22.30 17.75 4.34
CA VAL C 93 -23.02 18.09 3.11
C VAL C 93 -24.10 17.05 2.85
N TYR C 94 -25.31 17.53 2.56
CA TYR C 94 -26.44 16.64 2.32
C TYR C 94 -26.87 16.67 0.87
N TYR C 95 -26.97 15.48 0.27
CA TYR C 95 -27.36 15.34 -1.12
C TYR C 95 -28.69 14.63 -1.26
N CYS C 96 -29.45 15.01 -2.29
CA CYS C 96 -30.58 14.21 -2.73
C CYS C 96 -30.18 13.54 -4.03
N ALA C 97 -30.72 12.36 -4.29
CA ALA C 97 -30.39 11.62 -5.51
C ALA C 97 -31.58 10.82 -6.00
N ARG C 98 -31.82 10.83 -7.31
CA ARG C 98 -32.98 10.17 -7.88
C ARG C 98 -32.62 8.87 -8.57
N ASN C 99 -33.41 7.83 -8.34
CA ASN C 99 -33.25 6.57 -9.05
C ASN C 99 -34.12 6.53 -10.29
N VAL C 100 -33.70 5.75 -11.28
CA VAL C 100 -34.61 5.34 -12.34
C VAL C 100 -34.53 3.82 -12.44
N PHE C 101 -35.70 3.19 -12.53
CA PHE C 101 -35.84 1.74 -12.43
C PHE C 101 -34.88 0.95 -13.32
N ASP C 102 -34.73 -0.33 -13.01
CA ASP C 102 -33.81 -1.22 -13.72
C ASP C 102 -32.36 -0.83 -13.49
N GLY C 103 -31.92 -0.96 -12.24
CA GLY C 103 -30.58 -0.56 -11.85
C GLY C 103 -30.53 0.92 -11.51
N TYR C 104 -29.78 1.68 -12.32
CA TYR C 104 -29.66 3.13 -12.17
C TYR C 104 -30.03 3.67 -10.79
N TRP C 105 -29.33 3.18 -9.76
CA TRP C 105 -29.50 3.67 -8.40
C TRP C 105 -28.65 4.91 -8.19
N LEU C 106 -29.29 6.01 -7.80
CA LEU C 106 -28.60 7.29 -7.60
C LEU C 106 -27.96 7.79 -8.89
N VAL C 107 -28.72 7.80 -9.98
CA VAL C 107 -28.18 8.21 -11.27
C VAL C 107 -28.08 9.74 -11.40
N TYR C 108 -29.00 10.46 -10.75
CA TYR C 108 -28.97 11.92 -10.76
C TYR C 108 -28.77 12.45 -9.35
N TRP C 109 -27.93 13.48 -9.23
CA TRP C 109 -27.62 14.06 -7.92
C TRP C 109 -27.87 15.56 -7.87
N GLY C 110 -28.17 16.05 -6.67
CA GLY C 110 -28.27 17.48 -6.43
C GLY C 110 -26.90 18.06 -6.17
N GLN C 111 -26.82 19.39 -6.12
CA GLN C 111 -25.54 20.06 -5.94
C GLN C 111 -25.04 19.97 -4.50
N GLY C 112 -25.91 19.51 -3.61
CA GLY C 112 -25.57 19.34 -2.20
C GLY C 112 -25.93 20.55 -1.36
N THR C 113 -26.10 20.33 -0.06
CA THR C 113 -26.43 21.41 0.86
C THR C 113 -25.59 21.31 2.14
N LEU C 114 -24.73 22.30 2.35
CA LEU C 114 -23.87 22.30 3.54
C LEU C 114 -24.67 22.59 4.80
N VAL C 115 -24.54 21.72 5.79
CA VAL C 115 -25.14 21.94 7.09
C VAL C 115 -24.07 21.93 8.15
N THR C 116 -23.82 23.08 8.77
CA THR C 116 -22.85 23.17 9.86
C THR C 116 -23.57 23.33 11.19
N VAL C 117 -23.33 22.39 12.10
CA VAL C 117 -23.93 22.42 13.41
C VAL C 117 -22.88 22.84 14.45
N SER C 118 -23.12 23.99 15.07
CA SER C 118 -22.17 24.56 16.02
C SER C 118 -22.84 25.58 16.95
N SER C 119 -22.20 25.87 18.08
CA SER C 119 -22.74 26.81 19.04
C SER C 119 -22.23 28.22 18.77
N ALA C 120 -21.31 28.34 17.83
CA ALA C 120 -20.66 29.61 17.51
C ALA C 120 -21.61 30.62 16.89
N SER C 121 -21.33 31.91 17.10
CA SER C 121 -22.07 32.98 16.45
C SER C 121 -21.29 33.51 15.26
N THR C 122 -22.01 33.95 14.23
CA THR C 122 -21.37 34.52 13.04
C THR C 122 -20.29 35.51 13.43
N LYS C 123 -19.09 35.33 12.87
CA LYS C 123 -17.95 36.14 13.25
C LYS C 123 -17.03 36.39 12.05
N GLY C 124 -16.77 37.65 11.77
CA GLY C 124 -15.86 38.02 10.69
C GLY C 124 -14.43 37.66 11.03
N PRO C 125 -13.63 37.33 10.01
CA PRO C 125 -12.24 36.92 10.23
C PRO C 125 -11.31 38.11 10.44
N SER C 126 -10.26 37.91 11.22
CA SER C 126 -9.18 38.88 11.28
C SER C 126 -8.18 38.51 10.19
N VAL C 127 -7.61 39.50 9.53
CA VAL C 127 -6.68 39.23 8.44
C VAL C 127 -5.31 39.84 8.69
N PHE C 128 -4.32 38.98 8.92
CA PHE C 128 -2.97 39.43 9.19
C PHE C 128 -2.05 39.08 8.03
N PRO C 129 -1.02 39.90 7.81
CA PRO C 129 -0.07 39.68 6.73
C PRO C 129 0.96 38.62 7.09
N LEU C 130 1.35 37.82 6.11
CA LEU C 130 2.49 36.93 6.24
C LEU C 130 3.66 37.52 5.47
N ALA C 131 4.32 38.50 6.09
CA ALA C 131 5.36 39.29 5.44
C ALA C 131 6.38 38.43 4.70
N PRO C 132 6.75 38.85 3.48
CA PRO C 132 7.79 38.16 2.71
C PRO C 132 9.15 38.30 3.38
N SER C 133 9.96 37.26 3.32
CA SER C 133 11.28 37.27 3.93
C SER C 133 12.29 36.51 3.07
N SER C 134 13.09 37.24 2.31
CA SER C 134 14.05 36.62 1.40
C SER C 134 15.35 37.41 1.32
N LYS C 135 15.90 37.78 2.46
CA LYS C 135 17.18 38.50 2.49
C LYS C 135 18.33 37.52 2.73
N SER C 136 19.07 37.75 3.80
CA SER C 136 20.21 36.89 4.15
C SER C 136 21.19 36.73 2.99
N THR C 137 21.70 35.52 2.82
CA THR C 137 22.72 35.25 1.81
C THR C 137 22.14 35.21 0.39
N SER C 138 21.74 34.03 -0.06
CA SER C 138 21.24 33.86 -1.42
C SER C 138 19.72 33.76 -1.45
N GLY C 139 19.19 33.07 -2.46
CA GLY C 139 17.76 32.91 -2.61
C GLY C 139 17.32 33.05 -4.06
N GLY C 140 16.03 33.27 -4.26
CA GLY C 140 15.48 33.41 -5.60
C GLY C 140 13.98 33.68 -5.58
N THR C 141 13.26 32.96 -4.73
CA THR C 141 11.81 33.10 -4.66
C THR C 141 11.38 33.63 -3.29
N ALA C 142 10.30 34.41 -3.26
CA ALA C 142 9.78 34.98 -2.03
C ALA C 142 8.36 34.50 -1.74
N ALA C 143 8.16 33.94 -0.55
CA ALA C 143 6.83 33.51 -0.13
C ALA C 143 6.17 34.55 0.76
N LEU C 144 4.96 34.98 0.38
CA LEU C 144 4.17 35.88 1.20
C LEU C 144 2.73 35.39 1.24
N GLY C 145 1.90 36.01 2.08
CA GLY C 145 0.51 35.57 2.21
C GLY C 145 -0.36 36.34 3.19
N CYS C 146 -1.49 35.73 3.55
CA CYS C 146 -2.42 36.32 4.50
C CYS C 146 -3.01 35.28 5.44
N LEU C 147 -2.94 35.56 6.74
CA LEU C 147 -3.55 34.70 7.74
C LEU C 147 -4.99 35.13 7.98
N VAL C 148 -5.93 34.27 7.60
CA VAL C 148 -7.35 34.54 7.78
C VAL C 148 -7.83 33.75 8.99
N LYS C 149 -8.00 34.44 10.11
CA LYS C 149 -8.10 33.79 11.41
C LYS C 149 -9.37 34.14 12.20
N ASP C 150 -9.91 33.14 12.90
CA ASP C 150 -11.04 33.31 13.82
C ASP C 150 -12.32 33.81 13.15
N TYR C 151 -12.91 32.98 12.30
CA TYR C 151 -14.15 33.34 11.65
C TYR C 151 -15.14 32.18 11.69
N PHE C 152 -16.42 32.50 11.56
CA PHE C 152 -17.48 31.49 11.53
C PHE C 152 -18.72 32.05 10.88
N PRO C 153 -19.36 31.24 10.01
CA PRO C 153 -18.91 29.90 9.61
C PRO C 153 -18.23 29.94 8.25
N GLU C 154 -18.03 28.76 7.66
CA GLU C 154 -17.54 28.66 6.29
C GLU C 154 -18.60 29.19 5.34
N PRO C 155 -18.19 29.60 4.13
CA PRO C 155 -16.80 29.60 3.67
C PRO C 155 -16.19 31.00 3.69
N VAL C 156 -14.93 31.08 3.29
CA VAL C 156 -14.26 32.36 3.09
C VAL C 156 -13.49 32.28 1.78
N THR C 157 -13.43 33.38 1.04
CA THR C 157 -12.73 33.39 -0.24
C THR C 157 -11.56 34.37 -0.22
N VAL C 158 -10.44 33.95 -0.81
CA VAL C 158 -9.26 34.79 -0.88
C VAL C 158 -8.76 34.87 -2.33
N SER C 159 -8.60 36.09 -2.82
CA SER C 159 -8.01 36.29 -4.13
C SER C 159 -6.82 37.23 -4.00
N TRP C 160 -5.93 37.22 -5.00
CA TRP C 160 -4.75 38.07 -4.97
C TRP C 160 -4.76 39.07 -6.11
N ASN C 161 -4.56 40.35 -5.75
CA ASN C 161 -4.61 41.43 -6.72
C ASN C 161 -5.94 41.45 -7.47
N SER C 162 -7.02 41.18 -6.73
CA SER C 162 -8.37 41.18 -7.28
C SER C 162 -8.53 40.16 -8.41
N GLY C 163 -7.65 39.17 -8.44
CA GLY C 163 -7.73 38.13 -9.46
C GLY C 163 -6.64 38.23 -10.50
N ALA C 164 -5.93 39.36 -10.51
CA ALA C 164 -4.84 39.57 -11.46
C ALA C 164 -3.72 38.56 -11.25
N LEU C 165 -3.55 38.12 -10.01
CA LEU C 165 -2.49 37.18 -9.66
C LEU C 165 -3.07 35.85 -9.20
N THR C 166 -2.82 34.81 -9.98
CA THR C 166 -3.37 33.49 -9.68
C THR C 166 -2.29 32.41 -9.57
N SER C 167 -1.22 32.56 -10.35
CA SER C 167 -0.15 31.57 -10.36
C SER C 167 0.65 31.60 -9.05
N GLY C 168 0.94 30.41 -8.52
CA GLY C 168 1.69 30.30 -7.29
C GLY C 168 0.80 30.31 -6.06
N VAL C 169 -0.39 30.89 -6.19
CA VAL C 169 -1.33 30.99 -5.07
C VAL C 169 -1.77 29.64 -4.53
N HIS C 170 -1.58 29.45 -3.23
CA HIS C 170 -2.07 28.26 -2.55
C HIS C 170 -2.91 28.66 -1.35
N THR C 171 -4.22 28.48 -1.46
CA THR C 171 -5.11 28.73 -0.32
C THR C 171 -5.45 27.41 0.37
N PHE C 172 -5.17 27.35 1.68
CA PHE C 172 -5.35 26.11 2.42
C PHE C 172 -6.76 25.97 2.98
N PRO C 173 -7.29 24.73 2.95
CA PRO C 173 -8.58 24.43 3.56
C PRO C 173 -8.59 24.90 5.01
N ALA C 174 -9.71 25.48 5.45
CA ALA C 174 -9.80 25.96 6.82
C ALA C 174 -9.70 24.79 7.80
N VAL C 175 -9.26 25.09 9.02
CA VAL C 175 -9.22 24.10 10.08
C VAL C 175 -9.98 24.59 11.30
N LEU C 176 -10.91 23.79 11.79
CA LEU C 176 -11.71 24.15 12.95
C LEU C 176 -10.84 24.11 14.20
N GLN C 177 -11.27 24.79 15.26
CA GLN C 177 -10.47 24.87 16.48
C GLN C 177 -11.30 24.65 17.75
N SER C 178 -10.62 24.61 18.89
CA SER C 178 -11.27 24.43 20.19
C SER C 178 -12.23 25.57 20.46
N SER C 179 -11.95 26.71 19.85
CA SER C 179 -12.76 27.90 20.03
C SER C 179 -14.02 27.81 19.20
N GLY C 180 -14.04 26.85 18.28
CA GLY C 180 -15.17 26.67 17.38
C GLY C 180 -15.06 27.59 16.18
N LEU C 181 -13.98 28.35 16.12
CA LEU C 181 -13.73 29.28 15.02
C LEU C 181 -12.82 28.64 13.99
N TYR C 182 -12.96 29.07 12.74
CA TYR C 182 -12.14 28.55 11.66
C TYR C 182 -10.90 29.40 11.45
N SER C 183 -9.93 28.85 10.72
CA SER C 183 -8.69 29.55 10.45
C SER C 183 -7.98 28.93 9.25
N LEU C 184 -7.39 29.79 8.41
CA LEU C 184 -6.64 29.31 7.26
C LEU C 184 -5.67 30.38 6.75
N SER C 185 -4.72 29.97 5.92
CA SER C 185 -3.80 30.90 5.30
C SER C 185 -3.84 30.81 3.79
N SER C 186 -3.52 31.90 3.13
CA SER C 186 -3.37 31.94 1.68
C SER C 186 -1.98 32.47 1.36
N VAL C 187 -1.19 31.67 0.66
CA VAL C 187 0.18 32.04 0.36
C VAL C 187 0.44 32.03 -1.14
N VAL C 188 1.45 32.78 -1.56
CA VAL C 188 1.84 32.81 -2.96
C VAL C 188 3.34 33.10 -3.07
N THR C 189 4.03 32.30 -3.89
CA THR C 189 5.46 32.51 -4.10
C THR C 189 5.68 33.34 -5.36
N VAL C 190 6.55 34.34 -5.26
CA VAL C 190 6.88 35.21 -6.37
C VAL C 190 8.38 35.46 -6.38
N PRO C 191 8.90 36.08 -7.45
CA PRO C 191 10.35 36.36 -7.45
C PRO C 191 10.70 37.45 -6.46
N SER C 192 11.69 37.21 -5.60
CA SER C 192 12.13 38.22 -4.64
C SER C 192 12.30 39.56 -5.33
N SER C 193 12.75 39.50 -6.58
CA SER C 193 13.01 40.69 -7.38
C SER C 193 11.79 41.60 -7.50
N SER C 194 10.60 41.05 -7.35
CA SER C 194 9.36 41.79 -7.61
C SER C 194 8.81 42.54 -6.39
N LEU C 195 9.29 42.17 -5.21
CA LEU C 195 8.79 42.77 -3.96
C LEU C 195 8.79 44.30 -3.99
N GLY C 196 9.75 44.88 -4.70
CA GLY C 196 9.88 46.33 -4.76
C GLY C 196 9.14 46.98 -5.92
N THR C 197 8.69 46.16 -6.87
CA THR C 197 8.03 46.69 -8.06
C THR C 197 6.52 46.48 -8.02
N GLN C 198 6.11 45.30 -7.58
CA GLN C 198 4.69 44.93 -7.61
C GLN C 198 4.04 44.95 -6.23
N THR C 199 2.94 45.69 -6.11
CA THR C 199 2.14 45.69 -4.91
C THR C 199 1.40 44.36 -4.77
N TYR C 200 1.44 43.77 -3.58
CA TYR C 200 0.80 42.48 -3.34
C TYR C 200 -0.31 42.61 -2.30
N ILE C 201 -1.53 42.27 -2.70
CA ILE C 201 -2.69 42.44 -1.84
C ILE C 201 -3.61 41.22 -1.83
N CYS C 202 -4.02 40.79 -0.65
CA CYS C 202 -4.96 39.69 -0.51
C CYS C 202 -6.38 40.23 -0.31
N ASN C 203 -7.32 39.68 -1.07
CA ASN C 203 -8.72 40.09 -0.97
C ASN C 203 -9.52 39.03 -0.24
N VAL C 204 -9.82 39.28 1.03
CA VAL C 204 -10.56 38.32 1.84
C VAL C 204 -12.05 38.64 1.87
N ASN C 205 -12.87 37.62 1.62
CA ASN C 205 -14.32 37.79 1.58
C ASN C 205 -15.05 36.76 2.43
N HIS C 206 -15.89 37.25 3.33
CA HIS C 206 -16.68 36.37 4.19
C HIS C 206 -18.13 36.83 4.18
N LYS C 207 -18.93 36.27 3.28
CA LYS C 207 -20.33 36.65 3.09
C LYS C 207 -21.16 36.66 4.39
N PRO C 208 -21.17 35.53 5.12
CA PRO C 208 -22.02 35.44 6.31
C PRO C 208 -21.86 36.63 7.26
N SER C 209 -20.66 37.20 7.34
CA SER C 209 -20.43 38.34 8.23
C SER C 209 -20.36 39.64 7.45
N ASN C 210 -20.45 39.56 6.13
CA ASN C 210 -20.32 40.72 5.26
C ASN C 210 -18.96 41.39 5.45
N THR C 211 -17.92 40.57 5.55
CA THR C 211 -16.56 41.06 5.73
C THR C 211 -15.78 41.09 4.41
N LYS C 212 -15.41 42.29 3.98
CA LYS C 212 -14.52 42.46 2.83
C LYS C 212 -13.29 43.25 3.26
N VAL C 213 -12.13 42.63 3.15
CA VAL C 213 -10.89 43.26 3.54
C VAL C 213 -9.78 43.04 2.52
N ASP C 214 -9.13 44.13 2.13
CA ASP C 214 -7.99 44.06 1.22
C ASP C 214 -6.73 44.40 2.00
N LYS C 215 -5.92 43.39 2.28
CA LYS C 215 -4.73 43.56 3.10
C LYS C 215 -3.47 43.56 2.23
N LYS C 216 -2.73 44.67 2.27
CA LYS C 216 -1.46 44.77 1.56
C LYS C 216 -0.37 44.07 2.35
N VAL C 217 0.41 43.24 1.67
CA VAL C 217 1.48 42.48 2.31
C VAL C 217 2.85 42.93 1.81
N GLU C 218 3.47 43.85 2.56
CA GLU C 218 4.78 44.37 2.19
C GLU C 218 5.88 43.87 3.13
N PRO C 219 7.12 43.75 2.60
CA PRO C 219 8.27 43.26 3.36
C PRO C 219 8.57 44.11 4.59
N ASP D 1 -26.18 -5.28 8.27
CA ASP D 1 -25.53 -4.30 7.39
C ASP D 1 -24.42 -4.95 6.57
N ILE D 2 -24.57 -4.93 5.25
CA ILE D 2 -23.51 -5.36 4.36
C ILE D 2 -22.35 -4.37 4.51
N VAL D 3 -21.15 -4.88 4.76
CA VAL D 3 -19.98 -4.02 4.89
C VAL D 3 -19.22 -3.97 3.57
N MET D 4 -18.90 -2.76 3.14
CA MET D 4 -18.14 -2.57 1.90
C MET D 4 -16.72 -2.13 2.22
N THR D 5 -15.76 -2.89 1.73
CA THR D 5 -14.36 -2.63 2.02
C THR D 5 -13.60 -2.28 0.75
N GLN D 6 -12.96 -1.11 0.75
CA GLN D 6 -12.22 -0.65 -0.42
C GLN D 6 -10.72 -0.62 -0.20
N THR D 7 -9.97 -1.03 -1.21
CA THR D 7 -8.52 -0.94 -1.20
C THR D 7 -8.01 -0.59 -2.60
N PRO D 8 -6.99 0.27 -2.69
CA PRO D 8 -6.34 0.92 -1.56
C PRO D 8 -7.07 2.19 -1.12
N LEU D 9 -6.64 2.79 -0.02
CA LEU D 9 -7.21 4.04 0.46
C LEU D 9 -6.79 5.20 -0.45
N SER D 10 -5.61 5.08 -1.03
CA SER D 10 -5.09 6.10 -1.93
C SER D 10 -4.32 5.45 -3.07
N LEU D 11 -4.57 5.88 -4.30
CA LEU D 11 -3.95 5.27 -5.47
C LEU D 11 -3.33 6.30 -6.41
N PRO D 12 -2.04 6.62 -6.18
CA PRO D 12 -1.31 7.47 -7.12
C PRO D 12 -1.08 6.73 -8.43
N VAL D 13 -1.53 7.33 -9.53
CA VAL D 13 -1.38 6.70 -10.85
C VAL D 13 -0.66 7.61 -11.82
N THR D 14 0.07 7.02 -12.75
CA THR D 14 0.71 7.77 -13.82
C THR D 14 -0.25 7.80 -15.01
N PRO D 15 -0.46 9.00 -15.59
CA PRO D 15 -1.31 9.10 -16.78
C PRO D 15 -0.85 8.13 -17.85
N GLY D 16 -1.79 7.45 -18.50
CA GLY D 16 -1.45 6.43 -19.47
C GLY D 16 -1.44 5.06 -18.83
N GLU D 17 -0.82 4.97 -17.65
CA GLU D 17 -0.82 3.74 -16.88
C GLU D 17 -2.24 3.37 -16.44
N PRO D 18 -2.58 2.08 -16.55
CA PRO D 18 -3.89 1.60 -16.09
C PRO D 18 -3.98 1.64 -14.56
N ALA D 19 -5.19 1.89 -14.06
CA ALA D 19 -5.43 1.85 -12.62
C ALA D 19 -6.38 0.71 -12.28
N SER D 20 -6.48 0.39 -11.00
CA SER D 20 -7.33 -0.72 -10.57
C SER D 20 -7.71 -0.58 -9.10
N ILE D 21 -9.02 -0.51 -8.84
CA ILE D 21 -9.53 -0.38 -7.48
C ILE D 21 -10.33 -1.62 -7.09
N SER D 22 -10.08 -2.11 -5.87
CA SER D 22 -10.74 -3.31 -5.38
C SER D 22 -11.85 -2.98 -4.40
N CYS D 23 -12.94 -3.73 -4.47
CA CYS D 23 -14.06 -3.56 -3.57
C CYS D 23 -14.54 -4.91 -3.04
N ARG D 24 -14.67 -5.03 -1.72
CA ARG D 24 -15.06 -6.28 -1.10
C ARG D 24 -16.30 -6.08 -0.23
N SER D 25 -17.27 -6.96 -0.38
CA SER D 25 -18.49 -6.91 0.43
C SER D 25 -18.52 -8.04 1.44
N SER D 26 -19.10 -7.79 2.60
CA SER D 26 -19.20 -8.80 3.65
C SER D 26 -20.28 -9.83 3.32
N LYS D 27 -20.90 -9.68 2.16
CA LYS D 27 -21.99 -10.55 1.74
C LYS D 27 -22.02 -10.63 0.22
N SER D 28 -22.58 -11.71 -0.31
CA SER D 28 -22.68 -11.86 -1.77
C SER D 28 -23.73 -10.89 -2.32
N LEU D 29 -23.35 -10.12 -3.33
CA LEU D 29 -24.24 -9.12 -3.91
C LEU D 29 -25.03 -9.69 -5.08
N LEU D 30 -24.74 -10.94 -5.41
CA LEU D 30 -25.46 -11.64 -6.47
C LEU D 30 -26.88 -11.93 -6.02
N HIS D 31 -27.85 -11.56 -6.85
CA HIS D 31 -29.25 -11.84 -6.54
C HIS D 31 -29.73 -13.06 -7.31
N SER D 32 -30.81 -13.66 -6.82
CA SER D 32 -31.38 -14.84 -7.47
C SER D 32 -31.78 -14.56 -8.91
N ASN D 33 -32.11 -13.30 -9.19
CA ASN D 33 -32.60 -12.91 -10.52
C ASN D 33 -31.49 -12.71 -11.55
N GLY D 34 -30.26 -13.01 -11.17
CA GLY D 34 -29.14 -12.93 -12.09
C GLY D 34 -28.50 -11.56 -12.17
N ILE D 35 -28.89 -10.66 -11.27
CA ILE D 35 -28.30 -9.33 -11.21
C ILE D 35 -27.40 -9.17 -10.00
N THR D 36 -26.24 -8.57 -10.20
CA THR D 36 -25.36 -8.23 -9.09
C THR D 36 -25.52 -6.76 -8.75
N TYR D 37 -25.96 -6.48 -7.53
CA TYR D 37 -26.30 -5.11 -7.15
C TYR D 37 -25.13 -4.38 -6.49
N LEU D 38 -24.12 -4.09 -7.30
CA LEU D 38 -22.98 -3.29 -6.89
C LEU D 38 -22.82 -2.10 -7.83
N TYR D 39 -22.50 -0.94 -7.28
CA TYR D 39 -22.39 0.27 -8.08
C TYR D 39 -21.11 1.03 -7.78
N TRP D 40 -20.54 1.64 -8.82
CA TRP D 40 -19.35 2.45 -8.66
C TRP D 40 -19.68 3.93 -8.88
N TYR D 41 -19.28 4.77 -7.94
CA TYR D 41 -19.46 6.21 -8.07
C TYR D 41 -18.11 6.92 -8.05
N LEU D 42 -18.07 8.12 -8.63
CA LEU D 42 -16.88 8.95 -8.61
C LEU D 42 -17.22 10.36 -8.17
N GLN D 43 -16.50 10.86 -7.17
CA GLN D 43 -16.70 12.24 -6.74
C GLN D 43 -15.48 13.09 -7.10
N LYS D 44 -15.53 13.71 -8.28
CA LYS D 44 -14.48 14.63 -8.67
C LYS D 44 -14.41 15.75 -7.64
N PRO D 45 -13.21 16.30 -7.42
CA PRO D 45 -12.99 17.29 -6.36
C PRO D 45 -13.97 18.46 -6.40
N GLY D 46 -14.49 18.85 -5.23
CA GLY D 46 -15.41 19.96 -5.11
C GLY D 46 -16.61 19.80 -6.02
N GLN D 47 -17.12 18.58 -6.08
CA GLN D 47 -18.18 18.24 -7.02
C GLN D 47 -19.04 17.12 -6.48
N SER D 48 -20.33 17.13 -6.83
CA SER D 48 -21.25 16.07 -6.41
C SER D 48 -20.84 14.72 -7.00
N PRO D 49 -21.15 13.64 -6.28
CA PRO D 49 -20.87 12.29 -6.76
C PRO D 49 -21.64 11.99 -8.04
N GLN D 50 -21.10 11.10 -8.88
CA GLN D 50 -21.76 10.72 -10.11
C GLN D 50 -21.67 9.22 -10.33
N LEU D 51 -22.74 8.62 -10.83
CA LEU D 51 -22.77 7.20 -11.10
C LEU D 51 -21.90 6.88 -12.31
N LEU D 52 -20.95 5.97 -12.12
CA LEU D 52 -20.09 5.52 -13.21
C LEU D 52 -20.55 4.18 -13.73
N ILE D 53 -20.50 3.18 -12.85
CA ILE D 53 -20.93 1.83 -13.20
C ILE D 53 -22.09 1.39 -12.33
N TYR D 54 -23.10 0.78 -12.97
CA TYR D 54 -24.23 0.25 -12.23
C TYR D 54 -24.39 -1.24 -12.47
N GLN D 55 -24.81 -1.96 -11.43
CA GLN D 55 -24.96 -3.41 -11.49
C GLN D 55 -23.66 -4.08 -11.94
N MET D 56 -22.56 -3.60 -11.37
CA MET D 56 -21.24 -4.21 -11.53
C MET D 56 -20.50 -3.89 -12.83
N SER D 57 -21.15 -4.10 -13.96
CA SER D 57 -20.44 -4.01 -15.24
C SER D 57 -21.07 -3.03 -16.23
N ASN D 58 -22.22 -2.49 -15.89
CA ASN D 58 -22.93 -1.59 -16.79
C ASN D 58 -22.40 -0.16 -16.72
N LEU D 59 -21.99 0.36 -17.88
CA LEU D 59 -21.39 1.69 -17.96
C LEU D 59 -22.44 2.76 -18.19
N VAL D 60 -22.46 3.76 -17.30
CA VAL D 60 -23.35 4.90 -17.46
C VAL D 60 -23.10 5.58 -18.81
N SER D 61 -24.12 6.25 -19.33
CA SER D 61 -24.09 6.77 -20.69
C SER D 61 -23.03 7.84 -20.96
N GLY D 62 -22.62 8.56 -19.92
CA GLY D 62 -21.67 9.65 -20.09
C GLY D 62 -20.27 9.30 -19.60
N VAL D 63 -19.92 8.02 -19.68
CA VAL D 63 -18.64 7.55 -19.18
C VAL D 63 -17.84 6.83 -20.26
N PRO D 64 -16.59 7.25 -20.48
CA PRO D 64 -15.69 6.63 -21.45
C PRO D 64 -15.51 5.14 -21.17
N ASP D 65 -15.53 4.32 -22.21
CA ASP D 65 -15.36 2.87 -22.06
C ASP D 65 -13.96 2.57 -21.54
N ARG D 66 -13.20 3.63 -21.34
CA ARG D 66 -11.91 3.55 -20.68
C ARG D 66 -12.09 2.91 -19.31
N PHE D 67 -13.25 3.20 -18.69
CA PHE D 67 -13.63 2.57 -17.44
C PHE D 67 -14.33 1.25 -17.71
N SER D 68 -14.27 0.34 -16.75
CA SER D 68 -14.94 -0.94 -16.88
C SER D 68 -15.13 -1.60 -15.52
N GLY D 69 -16.22 -2.35 -15.38
CA GLY D 69 -16.54 -3.00 -14.13
C GLY D 69 -16.53 -4.51 -14.26
N SER D 70 -15.99 -5.17 -13.23
CA SER D 70 -15.89 -6.63 -13.23
C SER D 70 -15.98 -7.18 -11.82
N GLY D 71 -15.80 -8.48 -11.69
CA GLY D 71 -15.88 -9.15 -10.40
C GLY D 71 -17.08 -10.08 -10.33
N SER D 72 -17.30 -10.67 -9.16
CA SER D 72 -18.44 -11.56 -8.97
C SER D 72 -18.64 -11.88 -7.50
N GLY D 73 -19.89 -12.13 -7.13
CA GLY D 73 -20.23 -12.55 -5.78
C GLY D 73 -19.90 -11.53 -4.71
N THR D 74 -18.66 -11.54 -4.24
CA THR D 74 -18.28 -10.70 -3.11
C THR D 74 -16.95 -9.97 -3.33
N ASP D 75 -16.39 -10.14 -4.53
CA ASP D 75 -15.15 -9.43 -4.88
C ASP D 75 -15.33 -8.68 -6.20
N PHE D 76 -15.00 -7.39 -6.19
CA PHE D 76 -15.23 -6.55 -7.35
C PHE D 76 -14.03 -5.65 -7.66
N THR D 77 -13.92 -5.23 -8.91
CA THR D 77 -12.78 -4.44 -9.36
C THR D 77 -13.15 -3.41 -10.42
N LEU D 78 -12.78 -2.16 -10.18
CA LEU D 78 -12.99 -1.09 -11.15
C LEU D 78 -11.70 -0.85 -11.94
N LYS D 79 -11.80 -0.89 -13.26
CA LYS D 79 -10.63 -0.76 -14.13
C LYS D 79 -10.63 0.53 -14.93
N ILE D 80 -9.44 1.07 -15.17
CA ILE D 80 -9.27 2.22 -16.04
C ILE D 80 -8.18 1.90 -17.07
N SER D 81 -8.58 1.39 -18.24
CA SER D 81 -7.63 0.96 -19.27
C SER D 81 -6.42 1.87 -19.37
N ARG D 82 -6.67 3.17 -19.46
CA ARG D 82 -5.61 4.16 -19.44
C ARG D 82 -6.06 5.36 -18.61
N VAL D 83 -5.32 5.69 -17.56
CA VAL D 83 -5.73 6.80 -16.70
C VAL D 83 -5.49 8.14 -17.36
N GLU D 84 -6.48 9.02 -17.28
CA GLU D 84 -6.35 10.38 -17.79
C GLU D 84 -6.65 11.41 -16.71
N ALA D 85 -6.13 12.62 -16.88
CA ALA D 85 -6.11 13.63 -15.82
C ALA D 85 -7.44 13.84 -15.09
N GLU D 86 -8.53 13.79 -15.85
CA GLU D 86 -9.85 14.10 -15.30
C GLU D 86 -10.44 12.96 -14.45
N ASP D 87 -9.70 11.86 -14.34
CA ASP D 87 -10.18 10.70 -13.60
C ASP D 87 -9.93 10.81 -12.10
N VAL D 88 -9.30 11.90 -11.66
CA VAL D 88 -8.95 12.07 -10.26
C VAL D 88 -10.17 12.40 -9.40
N GLY D 89 -10.15 11.90 -8.17
CA GLY D 89 -11.26 12.07 -7.24
C GLY D 89 -11.35 10.87 -6.31
N VAL D 90 -12.48 10.73 -5.62
CA VAL D 90 -12.69 9.58 -4.75
C VAL D 90 -13.72 8.62 -5.34
N TYR D 91 -13.29 7.39 -5.60
CA TYR D 91 -14.18 6.37 -6.14
C TYR D 91 -14.80 5.59 -5.00
N TYR D 92 -16.13 5.56 -4.97
CA TYR D 92 -16.85 4.78 -3.97
C TYR D 92 -17.55 3.60 -4.61
N CYS D 93 -17.58 2.48 -3.91
CA CYS D 93 -18.42 1.36 -4.32
C CYS D 93 -19.58 1.29 -3.34
N ALA D 94 -20.70 0.71 -3.76
CA ALA D 94 -21.85 0.60 -2.88
C ALA D 94 -22.83 -0.50 -3.30
N GLN D 95 -23.67 -0.91 -2.36
CA GLN D 95 -24.67 -1.93 -2.62
C GLN D 95 -26.06 -1.45 -2.22
N ASN D 96 -27.07 -1.92 -2.95
CA ASN D 96 -28.46 -1.63 -2.63
C ASN D 96 -29.29 -2.90 -2.61
N LEU D 97 -28.63 -4.03 -2.42
CA LEU D 97 -29.28 -5.33 -2.32
C LEU D 97 -30.14 -5.39 -1.07
N GLU D 98 -29.61 -4.88 0.03
CA GLU D 98 -30.34 -4.88 1.29
C GLU D 98 -30.31 -3.51 1.95
N LEU D 99 -31.31 -3.24 2.78
CA LEU D 99 -31.34 -2.02 3.58
C LEU D 99 -30.64 -2.28 4.91
N PRO D 100 -29.91 -1.28 5.42
CA PRO D 100 -29.70 0.02 4.77
C PRO D 100 -28.65 -0.06 3.67
N TYR D 101 -28.70 0.88 2.73
CA TYR D 101 -27.71 0.94 1.67
C TYR D 101 -26.38 1.45 2.23
N THR D 102 -25.27 0.92 1.72
CA THR D 102 -23.96 1.24 2.25
C THR D 102 -22.92 1.49 1.18
N PHE D 103 -21.99 2.39 1.46
CA PHE D 103 -20.89 2.70 0.55
C PHE D 103 -19.57 2.22 1.13
N GLY D 104 -18.58 2.02 0.27
CA GLY D 104 -17.23 1.71 0.72
C GLY D 104 -16.57 2.96 1.22
N GLY D 105 -15.45 2.81 1.93
CA GLY D 105 -14.74 3.95 2.48
C GLY D 105 -14.28 4.92 1.40
N GLY D 106 -14.09 4.41 0.20
CA GLY D 106 -13.66 5.24 -0.92
C GLY D 106 -12.18 5.09 -1.21
N THR D 107 -11.82 5.30 -2.47
CA THR D 107 -10.43 5.25 -2.90
C THR D 107 -10.05 6.56 -3.58
N LYS D 108 -9.11 7.28 -2.97
CA LYS D 108 -8.67 8.56 -3.49
C LYS D 108 -7.65 8.37 -4.60
N VAL D 109 -8.02 8.79 -5.81
CA VAL D 109 -7.15 8.65 -6.97
C VAL D 109 -6.44 9.96 -7.30
N GLU D 110 -5.12 9.93 -7.34
CA GLU D 110 -4.33 11.13 -7.63
C GLU D 110 -3.24 10.85 -8.65
N ILE D 111 -2.57 11.91 -9.10
CA ILE D 111 -1.53 11.77 -10.11
C ILE D 111 -0.16 11.52 -9.49
N LYS D 112 0.53 10.52 -10.03
CA LYS D 112 1.86 10.15 -9.58
C LYS D 112 2.92 10.92 -10.38
N ARG D 113 3.88 11.53 -9.68
CA ARG D 113 4.96 12.25 -10.33
C ARG D 113 6.30 11.99 -9.64
N THR D 114 7.36 12.59 -10.17
CA THR D 114 8.69 12.43 -9.58
C THR D 114 8.77 13.11 -8.22
N VAL D 115 9.63 12.59 -7.35
CA VAL D 115 9.82 13.17 -6.02
C VAL D 115 10.25 14.63 -6.11
N ALA D 116 9.54 15.48 -5.38
CA ALA D 116 9.88 16.90 -5.32
C ALA D 116 10.02 17.35 -3.86
N ALA D 117 11.20 17.86 -3.51
CA ALA D 117 11.44 18.37 -2.17
C ALA D 117 10.71 19.70 -1.96
N PRO D 118 10.15 19.91 -0.77
CA PRO D 118 9.41 21.14 -0.47
C PRO D 118 10.32 22.34 -0.21
N SER D 119 9.97 23.50 -0.76
CA SER D 119 10.63 24.74 -0.39
C SER D 119 10.03 25.20 0.94
N VAL D 120 10.88 25.37 1.95
CA VAL D 120 10.40 25.69 3.29
C VAL D 120 10.56 27.17 3.65
N PHE D 121 9.48 27.77 4.13
CA PHE D 121 9.49 29.15 4.60
C PHE D 121 8.84 29.22 5.97
N ILE D 122 9.34 30.12 6.82
CA ILE D 122 8.71 30.35 8.12
C ILE D 122 8.31 31.81 8.22
N PHE D 123 7.26 32.08 9.01
CA PHE D 123 6.72 33.43 9.12
C PHE D 123 6.56 33.84 10.58
N PRO D 124 7.18 34.97 10.95
CA PRO D 124 6.96 35.56 12.27
C PRO D 124 5.55 36.13 12.35
N PRO D 125 4.99 36.23 13.56
CA PRO D 125 3.67 36.86 13.75
C PRO D 125 3.72 38.34 13.37
N SER D 126 2.67 38.83 12.74
CA SER D 126 2.59 40.25 12.42
C SER D 126 2.51 41.06 13.70
N ASP D 127 3.02 42.28 13.67
CA ASP D 127 2.97 43.16 14.83
C ASP D 127 1.52 43.54 15.14
N GLU D 128 0.65 43.33 14.16
CA GLU D 128 -0.78 43.62 14.33
C GLU D 128 -1.47 42.57 15.20
N GLN D 129 -1.26 41.29 14.88
CA GLN D 129 -1.82 40.21 15.68
C GLN D 129 -1.24 40.23 17.08
N LEU D 130 0.01 40.68 17.19
CA LEU D 130 0.69 40.72 18.48
C LEU D 130 0.06 41.72 19.43
N LYS D 131 -0.29 42.90 18.92
CA LYS D 131 -0.88 43.92 19.76
C LYS D 131 -2.24 43.49 20.31
N SER D 132 -2.85 42.49 19.66
CA SER D 132 -4.12 41.97 20.14
C SER D 132 -3.94 40.81 21.12
N GLY D 133 -2.68 40.47 21.40
CA GLY D 133 -2.36 39.50 22.43
C GLY D 133 -2.08 38.08 21.96
N THR D 134 -2.25 37.81 20.67
CA THR D 134 -2.01 36.47 20.14
C THR D 134 -0.85 36.45 19.16
N ALA D 135 -0.19 35.31 19.04
CA ALA D 135 0.95 35.17 18.14
C ALA D 135 0.88 33.88 17.34
N SER D 136 0.60 34.01 16.04
CA SER D 136 0.57 32.85 15.16
C SER D 136 1.83 32.79 14.29
N VAL D 137 2.46 31.61 14.27
CA VAL D 137 3.66 31.41 13.48
C VAL D 137 3.40 30.36 12.40
N VAL D 138 3.64 30.73 11.15
CA VAL D 138 3.34 29.85 10.03
C VAL D 138 4.58 29.30 9.34
N CYS D 139 4.63 27.99 9.18
CA CYS D 139 5.67 27.34 8.40
C CYS D 139 5.05 26.75 7.13
N LEU D 140 5.63 27.11 5.98
CA LEU D 140 5.09 26.70 4.69
C LEU D 140 5.98 25.72 3.94
N LEU D 141 5.47 24.52 3.71
CA LEU D 141 6.11 23.58 2.79
C LEU D 141 5.42 23.72 1.45
N ASN D 142 6.15 24.22 0.46
CA ASN D 142 5.54 24.57 -0.81
C ASN D 142 5.99 23.70 -1.98
N ASN D 143 5.01 23.23 -2.76
CA ASN D 143 5.25 22.45 -3.97
C ASN D 143 6.15 21.24 -3.78
N PHE D 144 5.65 20.24 -3.06
CA PHE D 144 6.41 19.03 -2.82
C PHE D 144 5.62 17.78 -3.17
N TYR D 145 6.33 16.69 -3.42
CA TYR D 145 5.71 15.41 -3.68
C TYR D 145 6.66 14.30 -3.23
N PRO D 146 6.12 13.24 -2.60
CA PRO D 146 4.69 13.04 -2.35
C PRO D 146 4.16 13.78 -1.12
N ARG D 147 2.89 13.55 -0.81
CA ARG D 147 2.19 14.26 0.27
C ARG D 147 2.82 14.01 1.65
N GLU D 148 3.23 12.76 1.89
CA GLU D 148 3.87 12.38 3.16
C GLU D 148 4.98 13.34 3.55
N ALA D 149 4.82 13.95 4.72
CA ALA D 149 5.78 14.94 5.20
C ALA D 149 5.67 15.10 6.71
N LYS D 150 6.80 15.33 7.36
CA LYS D 150 6.82 15.54 8.80
C LYS D 150 7.32 16.93 9.14
N VAL D 151 6.54 17.65 9.94
CA VAL D 151 6.91 19.00 10.35
C VAL D 151 7.01 19.06 11.86
N GLN D 152 8.12 19.63 12.35
CA GLN D 152 8.41 19.62 13.77
C GLN D 152 8.75 21.04 14.22
N TRP D 153 8.04 21.52 15.24
CA TRP D 153 8.31 22.85 15.78
C TRP D 153 9.25 22.78 16.98
N LYS D 154 10.27 23.64 16.97
CA LYS D 154 11.15 23.79 18.13
C LYS D 154 11.22 25.25 18.54
N VAL D 155 10.97 25.52 19.82
CA VAL D 155 11.05 26.87 20.37
C VAL D 155 12.18 26.93 21.38
N ASP D 156 13.21 27.73 21.08
CA ASP D 156 14.45 27.71 21.84
C ASP D 156 14.98 26.28 21.94
N ASN D 157 14.82 25.53 20.87
CA ASN D 157 15.30 24.17 20.74
C ASN D 157 14.43 23.14 21.46
N ALA D 158 13.31 23.58 22.00
CA ALA D 158 12.38 22.68 22.69
C ALA D 158 11.34 22.12 21.72
N LEU D 159 11.31 20.81 21.58
CA LEU D 159 10.35 20.16 20.70
C LEU D 159 8.91 20.42 21.15
N GLN D 160 8.17 21.16 20.34
CA GLN D 160 6.78 21.52 20.67
C GLN D 160 5.82 20.37 20.39
N SER D 161 4.70 20.36 21.09
CA SER D 161 3.70 19.32 20.93
C SER D 161 2.27 19.83 21.12
N GLY D 162 1.40 19.55 20.15
CA GLY D 162 0.00 19.89 20.26
C GLY D 162 -0.36 21.34 19.98
N ASN D 163 0.64 22.22 20.00
CA ASN D 163 0.40 23.65 19.80
C ASN D 163 0.23 24.05 18.34
N SER D 164 0.27 23.08 17.45
CA SER D 164 0.20 23.36 16.03
C SER D 164 -0.83 22.51 15.29
N GLN D 165 -1.44 23.10 14.28
CA GLN D 165 -2.32 22.37 13.37
C GLN D 165 -1.78 22.55 11.97
N GLU D 166 -1.94 21.54 11.12
CA GLU D 166 -1.45 21.66 9.75
C GLU D 166 -2.52 21.34 8.72
N SER D 167 -2.57 22.16 7.67
CA SER D 167 -3.55 22.01 6.60
C SER D 167 -2.85 21.76 5.27
N VAL D 168 -3.42 20.88 4.45
CA VAL D 168 -2.82 20.54 3.17
C VAL D 168 -3.78 20.82 2.02
N THR D 169 -3.25 21.38 0.93
CA THR D 169 -4.05 21.61 -0.27
C THR D 169 -4.13 20.33 -1.09
N GLU D 170 -5.05 20.32 -2.05
CA GLU D 170 -5.17 19.18 -2.95
C GLU D 170 -4.20 19.32 -4.12
N GLN D 171 -3.85 18.18 -4.71
CA GLN D 171 -2.84 18.13 -5.76
C GLN D 171 -3.03 19.23 -6.81
N ASP D 172 -1.98 20.02 -7.01
CA ASP D 172 -1.99 21.06 -8.02
C ASP D 172 -2.27 20.44 -9.38
N SER D 173 -3.21 21.03 -10.12
CA SER D 173 -3.61 20.49 -11.42
C SER D 173 -2.52 20.69 -12.47
N LYS D 174 -1.62 21.62 -12.23
CA LYS D 174 -0.57 21.94 -13.20
C LYS D 174 0.68 21.09 -13.01
N ASP D 175 1.24 21.10 -11.80
CA ASP D 175 2.51 20.42 -11.55
C ASP D 175 2.36 19.20 -10.65
N SER D 176 1.14 18.94 -10.19
CA SER D 176 0.86 17.77 -9.36
C SER D 176 1.63 17.77 -8.04
N THR D 177 1.88 18.95 -7.50
CA THR D 177 2.57 19.08 -6.23
C THR D 177 1.59 19.44 -5.11
N TYR D 178 2.05 19.26 -3.87
CA TYR D 178 1.25 19.59 -2.69
C TYR D 178 1.91 20.73 -1.93
N SER D 179 1.13 21.39 -1.09
CA SER D 179 1.66 22.40 -0.18
C SER D 179 1.03 22.23 1.19
N LEU D 180 1.85 22.30 2.23
CA LEU D 180 1.34 22.15 3.58
C LEU D 180 1.68 23.37 4.43
N SER D 181 0.79 23.70 5.35
CA SER D 181 1.06 24.77 6.30
C SER D 181 0.92 24.23 7.72
N SER D 182 1.91 24.51 8.55
CA SER D 182 1.85 24.16 9.96
C SER D 182 1.84 25.44 10.78
N THR D 183 0.71 25.71 11.42
CA THR D 183 0.55 26.94 12.20
C THR D 183 0.74 26.70 13.68
N LEU D 184 1.60 27.51 14.28
CA LEU D 184 1.85 27.45 15.72
C LEU D 184 1.19 28.65 16.38
N THR D 185 0.49 28.42 17.50
CA THR D 185 -0.21 29.50 18.18
C THR D 185 0.33 29.69 19.60
N LEU D 186 0.64 30.94 19.93
CA LEU D 186 1.16 31.27 21.26
C LEU D 186 0.48 32.52 21.77
N SER D 187 0.42 32.64 23.09
CA SER D 187 -0.01 33.89 23.71
C SER D 187 1.12 34.89 23.54
N LYS D 188 0.78 36.18 23.56
CA LYS D 188 1.78 37.22 23.44
C LYS D 188 2.85 37.09 24.52
N ALA D 189 2.44 36.68 25.71
CA ALA D 189 3.36 36.53 26.83
C ALA D 189 4.38 35.42 26.57
N ASP D 190 3.89 34.24 26.19
CA ASP D 190 4.77 33.11 25.93
C ASP D 190 5.66 33.36 24.72
N TYR D 191 5.17 34.13 23.76
CA TYR D 191 5.93 34.42 22.56
C TYR D 191 7.14 35.30 22.87
N GLU D 192 7.03 36.10 23.92
CA GLU D 192 8.11 37.01 24.31
C GLU D 192 9.10 36.39 25.29
N LYS D 193 8.76 35.19 25.78
CA LYS D 193 9.64 34.45 26.66
C LYS D 193 10.59 33.56 25.86
N HIS D 194 10.66 33.79 24.55
CA HIS D 194 11.46 32.93 23.69
C HIS D 194 12.06 33.70 22.52
N LYS D 195 13.19 33.21 22.00
CA LYS D 195 13.90 33.91 20.95
C LYS D 195 13.84 33.20 19.60
N VAL D 196 14.22 31.92 19.58
CA VAL D 196 14.32 31.19 18.33
C VAL D 196 13.11 30.29 18.06
N TYR D 197 12.44 30.53 16.94
CA TYR D 197 11.34 29.68 16.49
C TYR D 197 11.73 28.96 15.21
N ALA D 198 11.75 27.64 15.26
CA ALA D 198 12.22 26.86 14.13
C ALA D 198 11.19 25.86 13.60
N CYS D 199 11.15 25.72 12.28
CA CYS D 199 10.31 24.72 11.64
C CYS D 199 11.18 23.67 10.96
N GLU D 200 11.20 22.46 11.52
CA GLU D 200 12.02 21.38 10.99
C GLU D 200 11.20 20.46 10.09
N VAL D 201 11.64 20.29 8.85
CA VAL D 201 10.89 19.50 7.87
C VAL D 201 11.61 18.24 7.41
N THR D 202 11.01 17.08 7.69
CA THR D 202 11.49 15.82 7.16
C THR D 202 10.68 15.42 5.95
N HIS D 203 11.35 14.87 4.94
CA HIS D 203 10.67 14.51 3.69
C HIS D 203 11.54 13.61 2.82
N GLN D 204 10.89 12.82 1.97
CA GLN D 204 11.59 11.88 1.10
C GLN D 204 12.56 12.58 0.14
N GLY D 205 12.20 13.80 -0.27
CA GLY D 205 13.02 14.55 -1.21
C GLY D 205 14.19 15.28 -0.59
N LEU D 206 14.42 15.05 0.70
CA LEU D 206 15.51 15.70 1.42
C LEU D 206 16.44 14.66 2.04
N SER D 207 17.74 14.79 1.78
CA SER D 207 18.72 13.85 2.33
C SER D 207 18.68 13.89 3.85
N SER D 208 18.48 15.08 4.40
CA SER D 208 18.39 15.26 5.84
C SER D 208 17.38 16.37 6.14
N PRO D 209 16.83 16.37 7.36
CA PRO D 209 15.81 17.34 7.76
C PRO D 209 16.24 18.78 7.48
N VAL D 210 15.30 19.58 6.98
CA VAL D 210 15.57 20.97 6.68
C VAL D 210 14.93 21.88 7.73
N THR D 211 15.76 22.70 8.39
CA THR D 211 15.26 23.61 9.41
C THR D 211 15.21 25.04 8.91
N LYS D 212 14.08 25.70 9.15
CA LYS D 212 13.92 27.12 8.84
C LYS D 212 13.48 27.83 10.10
N SER D 213 14.19 28.90 10.46
CA SER D 213 13.91 29.60 11.72
C SER D 213 14.10 31.10 11.65
N PHE D 214 13.78 31.77 12.75
CA PHE D 214 13.98 33.21 12.88
C PHE D 214 14.13 33.55 14.36
N ASN D 215 14.75 34.70 14.63
CA ASN D 215 14.84 35.21 15.99
C ASN D 215 13.81 36.30 16.20
N ARG D 216 13.08 36.21 17.31
CA ARG D 216 12.08 37.22 17.61
C ARG D 216 12.72 38.60 17.74
N GLY D 217 12.21 39.56 16.97
CA GLY D 217 12.68 40.93 17.03
C GLY D 217 13.84 41.20 16.08
N GLU D 218 14.13 40.24 15.22
CA GLU D 218 15.21 40.40 14.25
C GLU D 218 14.75 41.23 13.05
N CYS D 219 15.73 41.79 12.32
CA CYS D 219 15.43 42.66 11.18
C CYS D 219 14.55 41.99 10.14
#